data_6DC9
#
_entry.id   6DC9
#
_cell.length_a   79.212
_cell.length_b   65.080
_cell.length_c   97.439
_cell.angle_alpha   90.00
_cell.angle_beta   112.11
_cell.angle_gamma   90.00
#
_symmetry.space_group_name_H-M   'P 1 21 1'
#
loop_
_entity.id
_entity.type
_entity.pdbx_description
1 polymer 'Fab heavy chain'
2 polymer 'Fab light chain'
3 polymer 'Microtubule-associated protein tau'
4 non-polymer GLYCEROL
5 non-polymer 'PHOSPHATE ION'
6 water water
#
loop_
_entity_poly.entity_id
_entity_poly.type
_entity_poly.pdbx_seq_one_letter_code
_entity_poly.pdbx_strand_id
1 'polypeptide(L)'
;EVQLQQSGAELVQPGASVKLSCTASGFNIKDTSMHWVRQRPEQGLEWIGRIAPANGNTKYDPKFQGKATITTDTSSNTAY
LQLSSLTSEDTAVYYCSGSGNYDWGQGTTLTVSSASTKGPSVFPLAPSSKSTSGGTAALGCLVKDYFPEPVTVSWNSGAL
TSGVHTFPAVLQSSGLYSLSSVVTVPSSSLGTQTYICNVNHKPSNTKVDKRVEPKSCDK
;
H,I
2 'polypeptide(L)'
;DIQMNQSPSSLSASLGDTITISCHASQNINVWLSWYQQKPGNIPKLLIYEASTLYTGVPSRFSGSGSGTGFTLTISSLQP
EDIATYYCQQGQSYPWTFGGGTKLEIKRTTVAAPSVFIFPPSDEQLKSGTASVVCLLNNFYPREAKVQWKVDNALQSGNS
QESVTEQDSKDSTYSLSSTLTLSKADYEKHKVYACEVTHQGLSSPVTKSFNRGEC
;
L,M
3 'polypeptide(L)' RENAKAKTDHGAEIVYK(SEP)PVVSGDT(SEP)PRHL P,Q
#
# COMPACT_ATOMS: atom_id res chain seq x y z
N VAL A 2 26.20 7.96 -19.19
CA VAL A 2 25.81 8.33 -17.83
C VAL A 2 24.29 8.35 -17.70
N GLN A 3 23.77 7.55 -16.76
CA GLN A 3 22.33 7.45 -16.60
C GLN A 3 22.01 7.02 -15.17
N LEU A 4 20.83 7.40 -14.72
CA LEU A 4 20.30 7.03 -13.41
C LEU A 4 19.02 6.23 -13.61
N GLN A 5 18.93 5.08 -12.94
CA GLN A 5 17.71 4.29 -12.93
C GLN A 5 17.06 4.38 -11.55
N GLN A 6 15.75 4.58 -11.54
CA GLN A 6 14.99 4.74 -10.31
C GLN A 6 14.01 3.59 -10.16
N SER A 7 13.65 3.30 -8.90
CA SER A 7 12.78 2.18 -8.59
C SER A 7 11.42 2.35 -9.27
N GLY A 8 10.69 1.24 -9.37
CA GLY A 8 9.43 1.24 -10.09
C GLY A 8 8.36 2.05 -9.39
N ALA A 9 7.30 2.34 -10.16
CA ALA A 9 6.18 3.12 -9.63
C ALA A 9 5.53 2.39 -8.46
N GLU A 10 5.42 3.07 -7.33
CA GLU A 10 4.97 2.47 -6.08
C GLU A 10 3.52 2.82 -5.80
N LEU A 11 2.82 1.88 -5.17
CA LEU A 11 1.52 2.12 -4.56
C LEU A 11 1.64 1.84 -3.07
N VAL A 12 1.22 2.79 -2.24
CA VAL A 12 1.31 2.66 -0.80
C VAL A 12 0.08 3.28 -0.17
N GLN A 13 -0.29 2.77 0.99
CA GLN A 13 -1.48 3.22 1.69
C GLN A 13 -1.23 4.56 2.38
N PRO A 14 -2.29 5.34 2.62
CA PRO A 14 -2.11 6.63 3.30
C PRO A 14 -1.55 6.45 4.70
N GLY A 15 -0.68 7.37 5.10
CA GLY A 15 -0.04 7.31 6.39
C GLY A 15 1.14 6.38 6.48
N ALA A 16 1.48 5.65 5.42
CA ALA A 16 2.56 4.69 5.44
C ALA A 16 3.88 5.39 5.14
N SER A 17 4.90 4.64 4.75
CA SER A 17 6.21 5.18 4.44
C SER A 17 6.84 4.37 3.32
N VAL A 18 7.59 5.05 2.45
CA VAL A 18 8.26 4.41 1.33
C VAL A 18 9.72 4.82 1.33
N LYS A 19 10.54 4.03 0.63
CA LYS A 19 11.96 4.32 0.43
C LYS A 19 12.26 4.17 -1.06
N LEU A 20 12.31 5.30 -1.76
CA LEU A 20 12.65 5.29 -3.17
C LEU A 20 14.16 5.28 -3.36
N SER A 21 14.60 4.71 -4.48
CA SER A 21 16.02 4.57 -4.75
C SER A 21 16.34 4.99 -6.17
N CYS A 22 17.61 5.35 -6.38
CA CYS A 22 18.14 5.60 -7.72
C CYS A 22 19.61 5.23 -7.74
N THR A 23 19.98 4.36 -8.66
CA THR A 23 21.37 3.92 -8.81
C THR A 23 22.05 4.71 -9.93
N ALA A 24 23.36 4.86 -9.81
CA ALA A 24 24.15 5.60 -10.76
C ALA A 24 25.07 4.67 -11.56
N SER A 25 25.12 4.88 -12.87
CA SER A 25 26.02 4.13 -13.75
C SER A 25 26.60 5.11 -14.75
N GLY A 26 27.84 5.55 -14.51
CA GLY A 26 28.49 6.53 -15.35
C GLY A 26 29.33 7.48 -14.53
N PHE A 27 29.10 7.49 -13.22
CA PHE A 27 29.83 8.34 -12.30
C PHE A 27 29.73 7.76 -10.90
N ASN A 28 30.49 8.34 -9.99
CA ASN A 28 30.55 7.89 -8.61
C ASN A 28 29.62 8.71 -7.74
N ILE A 29 28.90 8.04 -6.84
CA ILE A 29 28.01 8.73 -5.92
C ILE A 29 28.80 9.63 -4.98
N LYS A 30 29.92 9.11 -4.45
CA LYS A 30 30.74 9.88 -3.52
C LYS A 30 31.36 11.12 -4.17
N ASP A 31 31.20 11.30 -5.48
CA ASP A 31 31.90 12.33 -6.22
C ASP A 31 31.03 13.55 -6.53
N THR A 32 29.78 13.56 -6.08
CA THR A 32 28.89 14.68 -6.35
C THR A 32 27.72 14.64 -5.37
N SER A 33 26.90 15.69 -5.40
CA SER A 33 25.74 15.79 -4.53
C SER A 33 24.51 15.23 -5.23
N MET A 34 23.69 14.51 -4.46
CA MET A 34 22.47 13.90 -4.98
C MET A 34 21.26 14.70 -4.53
N HIS A 35 20.41 15.08 -5.48
CA HIS A 35 19.23 15.90 -5.23
C HIS A 35 17.96 15.15 -5.59
N TRP A 36 16.90 15.42 -4.84
CA TRP A 36 15.57 14.90 -5.12
C TRP A 36 14.62 16.05 -5.37
N VAL A 37 13.85 15.96 -6.45
CA VAL A 37 12.76 16.88 -6.73
C VAL A 37 11.55 16.06 -7.13
N ARG A 38 10.36 16.62 -6.89
CA ARG A 38 9.13 15.93 -7.25
C ARG A 38 8.28 16.83 -8.14
N GLN A 39 7.27 16.21 -8.75
CA GLN A 39 6.34 16.93 -9.62
C GLN A 39 4.97 16.33 -9.47
N ARG A 40 4.07 17.05 -8.81
CA ARG A 40 2.70 16.61 -8.68
C ARG A 40 2.01 16.62 -10.05
N PRO A 41 0.98 15.79 -10.24
CA PRO A 41 0.33 15.73 -11.55
C PRO A 41 -0.15 17.09 -12.01
N GLU A 42 0.36 17.52 -13.18
CA GLU A 42 -0.01 18.80 -13.79
C GLU A 42 0.36 19.97 -12.90
N GLN A 43 1.55 19.92 -12.30
CA GLN A 43 2.05 20.97 -11.43
C GLN A 43 3.50 21.25 -11.80
N GLY A 44 4.15 22.11 -11.03
CA GLY A 44 5.53 22.48 -11.27
C GLY A 44 6.52 21.54 -10.61
N LEU A 45 7.71 22.08 -10.36
CA LEU A 45 8.80 21.32 -9.75
C LEU A 45 9.03 21.79 -8.33
N GLU A 46 9.09 20.84 -7.39
CA GLU A 46 9.38 21.11 -6.00
C GLU A 46 10.71 20.46 -5.65
N TRP A 47 11.64 21.26 -5.14
CA TRP A 47 12.93 20.75 -4.70
C TRP A 47 12.80 20.22 -3.28
N ILE A 48 13.14 18.95 -3.08
CA ILE A 48 12.94 18.30 -1.78
C ILE A 48 14.16 18.44 -0.89
N GLY A 49 15.35 18.18 -1.43
CA GLY A 49 16.55 18.25 -0.63
C GLY A 49 17.73 17.70 -1.38
N ARG A 50 18.85 17.57 -0.66
CA ARG A 50 20.07 17.05 -1.26
C ARG A 50 20.99 16.53 -0.16
N ILE A 51 21.88 15.62 -0.57
CA ILE A 51 22.85 15.00 0.32
C ILE A 51 24.25 15.27 -0.24
N ALA A 52 25.15 15.72 0.62
CA ALA A 52 26.48 16.14 0.19
C ALA A 52 27.32 14.93 -0.22
N PRO A 53 28.31 15.13 -1.09
CA PRO A 53 29.17 14.02 -1.50
C PRO A 53 30.05 13.55 -0.34
N ALA A 54 30.28 12.24 -0.30
CA ALA A 54 30.96 11.62 0.84
C ALA A 54 30.24 12.02 2.11
N ASN A 55 29.13 11.33 2.43
CA ASN A 55 28.21 11.76 3.47
C ASN A 55 28.93 11.97 4.81
N GLY A 56 28.95 13.21 5.28
CA GLY A 56 28.35 14.32 4.54
C GLY A 56 27.02 14.80 5.08
N ASN A 57 26.84 16.12 5.12
CA ASN A 57 25.62 16.71 5.65
C ASN A 57 24.48 16.57 4.64
N THR A 58 23.29 16.98 5.07
CA THR A 58 22.11 16.98 4.21
C THR A 58 21.35 18.28 4.41
N LYS A 59 20.65 18.70 3.35
CA LYS A 59 19.80 19.89 3.38
C LYS A 59 18.43 19.52 2.84
N TYR A 60 17.39 20.18 3.37
CA TYR A 60 16.02 19.88 3.00
C TYR A 60 15.24 21.17 2.79
N ASP A 61 14.05 21.04 2.21
CA ASP A 61 13.04 22.07 2.01
C ASP A 61 12.09 22.09 3.19
N PRO A 62 11.70 23.28 3.68
CA PRO A 62 10.89 23.34 4.91
C PRO A 62 9.63 22.48 4.89
N LYS A 63 8.96 22.35 3.74
CA LYS A 63 7.72 21.58 3.73
C LYS A 63 7.96 20.07 3.77
N PHE A 64 9.20 19.61 3.56
CA PHE A 64 9.55 18.22 3.73
C PHE A 64 10.43 17.98 4.95
N GLN A 65 10.67 19.03 5.75
CA GLN A 65 11.51 18.90 6.92
C GLN A 65 10.91 17.91 7.91
N GLY A 66 11.71 16.91 8.30
CA GLY A 66 11.30 15.85 9.21
C GLY A 66 10.52 14.71 8.60
N LYS A 67 9.68 15.00 7.61
CA LYS A 67 8.94 13.98 6.90
C LYS A 67 9.72 13.38 5.73
N ALA A 68 10.99 13.77 5.57
CA ALA A 68 11.80 13.28 4.47
C ALA A 68 13.25 13.19 4.91
N THR A 69 13.88 12.04 4.63
CA THR A 69 15.29 11.80 4.93
C THR A 69 15.98 11.22 3.70
N ILE A 70 17.13 11.78 3.36
CA ILE A 70 17.88 11.40 2.17
C ILE A 70 19.18 10.74 2.60
N THR A 71 19.43 9.54 2.09
CA THR A 71 20.61 8.77 2.45
C THR A 71 21.18 8.11 1.21
N THR A 72 22.45 7.69 1.31
CA THR A 72 23.15 7.04 0.21
C THR A 72 23.84 5.78 0.70
N ASP A 73 23.89 4.78 -0.18
CA ASP A 73 24.63 3.55 0.02
C ASP A 73 25.83 3.62 -0.92
N THR A 74 26.93 4.21 -0.43
CA THR A 74 28.08 4.47 -1.28
C THR A 74 28.67 3.19 -1.86
N SER A 75 28.60 2.08 -1.12
CA SER A 75 29.06 0.81 -1.66
C SER A 75 28.27 0.41 -2.90
N SER A 76 26.95 0.48 -2.81
CA SER A 76 26.07 0.13 -3.93
C SER A 76 25.98 1.24 -4.97
N ASN A 77 26.51 2.43 -4.67
CA ASN A 77 26.50 3.57 -5.59
C ASN A 77 25.06 3.98 -5.92
N THR A 78 24.19 3.95 -4.92
CA THR A 78 22.79 4.34 -5.05
C THR A 78 22.47 5.45 -4.06
N ALA A 79 21.27 6.01 -4.20
CA ALA A 79 20.78 7.04 -3.30
C ALA A 79 19.33 6.74 -2.95
N TYR A 80 18.92 7.15 -1.75
CA TYR A 80 17.60 6.82 -1.24
C TYR A 80 16.88 8.08 -0.78
N LEU A 81 15.56 8.03 -0.87
CA LEU A 81 14.67 9.05 -0.31
C LEU A 81 13.59 8.34 0.48
N GLN A 82 13.51 8.65 1.77
CA GLN A 82 12.49 8.07 2.65
C GLN A 82 11.48 9.14 3.03
N LEU A 83 10.20 8.83 2.82
CA LEU A 83 9.10 9.74 3.11
C LEU A 83 8.14 9.06 4.08
N SER A 84 7.70 9.80 5.10
CA SER A 84 6.77 9.28 6.08
C SER A 84 5.49 10.11 6.10
N SER A 85 4.45 9.53 6.70
CA SER A 85 3.14 10.17 6.83
C SER A 85 2.59 10.59 5.47
N LEU A 86 2.65 9.66 4.52
CA LEU A 86 2.27 9.95 3.15
C LEU A 86 0.77 10.23 3.06
N THR A 87 0.42 11.42 2.61
CA THR A 87 -0.96 11.83 2.39
C THR A 87 -1.25 11.88 0.90
N SER A 88 -2.53 12.11 0.56
CA SER A 88 -2.94 12.19 -0.83
C SER A 88 -2.36 13.41 -1.54
N GLU A 89 -1.73 14.33 -0.82
CA GLU A 89 -1.01 15.42 -1.44
C GLU A 89 0.36 14.99 -1.96
N ASP A 90 0.91 13.90 -1.42
CA ASP A 90 2.28 13.48 -1.72
C ASP A 90 2.38 12.54 -2.92
N THR A 91 1.28 12.27 -3.63
CA THR A 91 1.36 11.48 -4.85
C THR A 91 1.93 12.35 -5.97
N ALA A 92 3.09 11.98 -6.47
CA ALA A 92 3.79 12.78 -7.47
C ALA A 92 4.83 11.90 -8.15
N VAL A 93 5.55 12.49 -9.09
CA VAL A 93 6.69 11.84 -9.76
C VAL A 93 7.96 12.39 -9.11
N TYR A 94 8.71 11.52 -8.45
CA TYR A 94 9.90 11.91 -7.71
C TYR A 94 11.13 11.67 -8.58
N TYR A 95 11.82 12.74 -8.94
CA TYR A 95 13.04 12.67 -9.73
C TYR A 95 14.26 12.66 -8.81
N CYS A 96 15.29 11.94 -9.24
CA CYS A 96 16.58 11.93 -8.56
C CYS A 96 17.65 12.30 -9.56
N SER A 97 18.54 13.21 -9.17
CA SER A 97 19.57 13.71 -10.08
C SER A 97 20.78 14.13 -9.27
N GLY A 98 21.90 14.31 -9.98
CA GLY A 98 23.14 14.73 -9.37
C GLY A 98 23.50 16.15 -9.74
N SER A 99 24.22 16.82 -8.85
CA SER A 99 24.77 18.13 -9.17
C SER A 99 25.77 18.00 -10.30
N GLY A 100 25.69 18.89 -11.28
CA GLY A 100 26.54 18.85 -12.44
C GLY A 100 25.72 18.67 -13.71
N ASN A 101 26.42 18.33 -14.79
CA ASN A 101 25.81 18.23 -16.11
C ASN A 101 25.21 16.85 -16.38
N TYR A 102 24.97 16.06 -15.33
CA TYR A 102 24.36 14.75 -15.52
C TYR A 102 22.89 14.90 -15.86
N ASP A 103 22.35 13.89 -16.53
CA ASP A 103 20.92 13.86 -16.80
C ASP A 103 20.16 13.55 -15.52
N TRP A 104 18.84 13.78 -15.57
CA TRP A 104 18.00 13.46 -14.43
C TRP A 104 17.60 11.99 -14.45
N GLY A 105 17.12 11.52 -13.31
CA GLY A 105 16.62 10.16 -13.23
C GLY A 105 15.40 9.95 -14.09
N GLN A 106 15.11 8.68 -14.34
CA GLN A 106 13.95 8.33 -15.16
C GLN A 106 12.65 8.78 -14.51
N GLY A 107 12.62 8.80 -13.18
CA GLY A 107 11.43 9.20 -12.45
C GLY A 107 10.67 8.04 -11.83
N THR A 108 10.25 8.19 -10.58
CA THR A 108 9.45 7.20 -9.88
C THR A 108 8.14 7.84 -9.48
N THR A 109 7.04 7.26 -9.95
CA THR A 109 5.71 7.74 -9.58
C THR A 109 5.24 7.05 -8.31
N LEU A 110 5.05 7.83 -7.25
CA LEU A 110 4.48 7.34 -6.00
C LEU A 110 3.00 7.69 -5.98
N THR A 111 2.17 6.71 -5.66
CA THR A 111 0.73 6.91 -5.54
C THR A 111 0.31 6.53 -4.13
N VAL A 112 -0.28 7.48 -3.42
CA VAL A 112 -0.73 7.28 -2.04
C VAL A 112 -2.25 7.07 -2.09
N SER A 113 -2.68 5.84 -1.79
CA SER A 113 -4.08 5.48 -1.94
C SER A 113 -4.35 4.20 -1.18
N SER A 114 -5.60 4.04 -0.75
CA SER A 114 -6.04 2.82 -0.10
C SER A 114 -6.50 1.75 -1.09
N ALA A 115 -6.50 2.06 -2.38
CA ALA A 115 -6.90 1.09 -3.38
C ALA A 115 -5.86 -0.01 -3.54
N SER A 116 -6.21 -1.03 -4.30
CA SER A 116 -5.34 -2.18 -4.53
C SER A 116 -4.79 -2.15 -5.95
N THR A 117 -3.56 -2.65 -6.10
CA THR A 117 -2.93 -2.72 -7.41
C THR A 117 -3.68 -3.72 -8.30
N LYS A 118 -3.84 -3.36 -9.56
CA LYS A 118 -4.41 -4.26 -10.55
C LYS A 118 -3.65 -4.12 -11.86
N GLY A 119 -3.40 -5.25 -12.51
CA GLY A 119 -2.68 -5.27 -13.77
C GLY A 119 -3.57 -4.98 -14.95
N PRO A 120 -3.00 -4.42 -16.01
CA PRO A 120 -3.78 -4.06 -17.19
C PRO A 120 -3.96 -5.24 -18.15
N SER A 121 -4.98 -5.11 -18.99
CA SER A 121 -5.22 -6.03 -20.09
C SER A 121 -4.99 -5.31 -21.40
N VAL A 122 -4.16 -5.87 -22.27
CA VAL A 122 -3.76 -5.22 -23.51
C VAL A 122 -4.57 -5.81 -24.66
N PHE A 123 -5.28 -4.95 -25.38
CA PHE A 123 -6.11 -5.34 -26.51
C PHE A 123 -5.63 -4.68 -27.79
N PRO A 124 -5.83 -5.32 -28.94
CA PRO A 124 -5.41 -4.71 -30.21
C PRO A 124 -6.47 -3.78 -30.79
N LEU A 125 -5.98 -2.66 -31.33
CA LEU A 125 -6.79 -1.78 -32.17
C LEU A 125 -6.39 -2.10 -33.61
N ALA A 126 -7.10 -3.06 -34.20
CA ALA A 126 -6.71 -3.58 -35.50
C ALA A 126 -7.00 -2.57 -36.60
N PRO A 127 -6.07 -2.38 -37.54
CA PRO A 127 -6.35 -1.51 -38.69
C PRO A 127 -7.42 -2.14 -39.58
N SER A 128 -8.36 -1.32 -40.02
CA SER A 128 -9.50 -1.82 -40.77
C SER A 128 -9.08 -2.23 -42.19
N SER A 129 -9.86 -3.15 -42.76
CA SER A 129 -9.55 -3.67 -44.09
C SER A 129 -9.56 -2.57 -45.13
N LYS A 130 -10.52 -1.64 -45.03
CA LYS A 130 -10.55 -0.48 -45.91
C LYS A 130 -9.25 0.30 -45.78
N SER A 131 -8.68 0.69 -46.92
CA SER A 131 -7.43 1.44 -46.97
C SER A 131 -7.72 2.74 -47.71
N THR A 132 -7.76 3.84 -46.97
CA THR A 132 -8.17 5.13 -47.52
C THR A 132 -7.01 5.77 -48.27
N SER A 133 -7.16 7.05 -48.61
CA SER A 133 -6.19 7.76 -49.42
C SER A 133 -4.88 7.96 -48.64
N GLY A 134 -3.87 8.48 -49.36
CA GLY A 134 -2.57 8.74 -48.79
C GLY A 134 -1.75 7.52 -48.46
N GLY A 135 -2.34 6.33 -48.46
CA GLY A 135 -1.61 5.13 -48.06
C GLY A 135 -1.44 4.97 -46.57
N THR A 136 -2.28 5.62 -45.76
CA THR A 136 -2.16 5.60 -44.32
C THR A 136 -3.19 4.66 -43.70
N ALA A 137 -2.82 4.07 -42.56
CA ALA A 137 -3.71 3.20 -41.81
C ALA A 137 -3.33 3.26 -40.34
N ALA A 138 -4.32 3.33 -39.47
CA ALA A 138 -4.10 3.48 -38.05
C ALA A 138 -4.24 2.12 -37.35
N LEU A 139 -3.32 1.86 -36.42
CA LEU A 139 -3.38 0.68 -35.58
C LEU A 139 -2.89 1.07 -34.19
N GLY A 140 -3.36 0.35 -33.17
CA GLY A 140 -2.99 0.74 -31.83
C GLY A 140 -3.23 -0.35 -30.81
N CYS A 141 -2.94 0.00 -29.55
CA CYS A 141 -3.13 -0.88 -28.40
C CYS A 141 -4.01 -0.19 -27.37
N LEU A 142 -4.95 -0.93 -26.81
CA LEU A 142 -5.84 -0.45 -25.76
C LEU A 142 -5.43 -1.10 -24.45
N VAL A 143 -5.03 -0.28 -23.48
CA VAL A 143 -4.58 -0.73 -22.17
C VAL A 143 -5.67 -0.37 -21.17
N LYS A 144 -6.33 -1.38 -20.61
CA LYS A 144 -7.56 -1.18 -19.85
C LYS A 144 -7.49 -1.82 -18.47
N ASP A 145 -8.06 -1.12 -17.49
CA ASP A 145 -8.29 -1.61 -16.13
C ASP A 145 -7.00 -1.88 -15.36
N TYR A 146 -6.31 -0.82 -14.95
CA TYR A 146 -5.09 -0.95 -14.15
C TYR A 146 -5.06 0.16 -13.11
N PHE A 147 -4.29 -0.08 -12.04
CA PHE A 147 -4.11 0.88 -10.96
C PHE A 147 -2.86 0.49 -10.18
N PRO A 148 -2.03 1.45 -9.74
CA PRO A 148 -2.11 2.88 -10.04
C PRO A 148 -1.59 3.18 -11.43
N GLU A 149 -1.13 4.41 -11.69
CA GLU A 149 -0.81 4.76 -13.06
C GLU A 149 0.56 4.23 -13.46
N PRO A 150 1.51 5.08 -13.90
CA PRO A 150 2.40 4.71 -15.01
C PRO A 150 2.21 3.35 -15.65
N VAL A 151 1.63 3.33 -16.84
CA VAL A 151 1.86 2.28 -17.83
C VAL A 151 2.64 2.92 -18.97
N THR A 152 3.83 2.42 -19.22
CA THR A 152 4.70 2.96 -20.26
C THR A 152 4.53 2.14 -21.53
N VAL A 153 4.28 2.82 -22.64
CA VAL A 153 4.04 2.17 -23.92
C VAL A 153 5.11 2.61 -24.90
N SER A 154 5.75 1.63 -25.55
CA SER A 154 6.63 1.87 -26.67
C SER A 154 6.24 0.92 -27.80
N TRP A 155 6.68 1.25 -29.02
CA TRP A 155 6.39 0.44 -30.19
C TRP A 155 7.69 -0.12 -30.76
N ASN A 156 7.71 -1.44 -30.97
CA ASN A 156 8.88 -2.14 -31.51
C ASN A 156 10.12 -1.93 -30.63
N SER A 157 9.90 -1.87 -29.31
CA SER A 157 10.97 -1.70 -28.33
C SER A 157 11.77 -0.42 -28.57
N GLY A 158 11.07 0.63 -28.99
CA GLY A 158 11.67 1.94 -29.18
C GLY A 158 12.08 2.26 -30.60
N ALA A 159 12.01 1.29 -31.52
CA ALA A 159 12.33 1.57 -32.91
C ALA A 159 11.30 2.48 -33.54
N LEU A 160 10.02 2.08 -33.51
CA LEU A 160 8.96 2.85 -34.12
C LEU A 160 8.62 4.05 -33.24
N THR A 161 8.80 5.25 -33.78
CA THR A 161 8.55 6.47 -33.03
C THR A 161 7.73 7.49 -33.81
N SER A 162 8.02 7.69 -35.08
CA SER A 162 7.27 8.66 -35.88
C SER A 162 5.83 8.18 -36.06
N GLY A 163 4.88 9.07 -35.80
CA GLY A 163 3.47 8.75 -35.91
C GLY A 163 2.86 8.14 -34.66
N VAL A 164 3.63 8.00 -33.58
CA VAL A 164 3.14 7.38 -32.36
C VAL A 164 2.51 8.44 -31.48
N HIS A 165 1.26 8.20 -31.07
CA HIS A 165 0.56 9.04 -30.11
C HIS A 165 0.04 8.15 -28.99
N THR A 166 0.62 8.29 -27.79
CA THR A 166 0.06 7.66 -26.60
C THR A 166 -0.66 8.75 -25.80
N PHE A 167 -1.96 8.56 -25.61
CA PHE A 167 -2.79 9.58 -25.01
C PHE A 167 -2.71 9.51 -23.49
N PRO A 168 -3.06 10.60 -22.81
CA PRO A 168 -3.14 10.56 -21.35
C PRO A 168 -4.19 9.57 -20.87
N ALA A 169 -3.95 9.01 -19.69
CA ALA A 169 -4.87 8.03 -19.14
C ALA A 169 -6.16 8.70 -18.66
N VAL A 170 -7.25 7.95 -18.72
CA VAL A 170 -8.55 8.40 -18.23
C VAL A 170 -8.92 7.57 -17.01
N LEU A 171 -9.75 8.15 -16.15
CA LEU A 171 -10.14 7.50 -14.90
C LEU A 171 -11.58 7.00 -15.04
N GLN A 172 -11.74 5.68 -15.06
CA GLN A 172 -13.06 5.08 -15.21
C GLN A 172 -13.84 5.17 -13.90
N SER A 173 -15.14 4.89 -13.99
CA SER A 173 -16.00 4.90 -12.81
C SER A 173 -15.62 3.82 -11.80
N SER A 174 -14.93 2.77 -12.24
CA SER A 174 -14.54 1.67 -11.38
C SER A 174 -13.34 2.00 -10.49
N GLY A 175 -12.67 3.12 -10.75
CA GLY A 175 -11.42 3.42 -10.07
C GLY A 175 -10.18 2.91 -10.77
N LEU A 176 -10.31 2.46 -12.02
CA LEU A 176 -9.21 1.91 -12.78
C LEU A 176 -8.93 2.80 -13.99
N TYR A 177 -7.65 2.94 -14.33
CA TYR A 177 -7.24 3.79 -15.43
C TYR A 177 -7.20 3.02 -16.75
N SER A 178 -7.30 3.76 -17.84
CA SER A 178 -7.17 3.22 -19.19
C SER A 178 -6.52 4.26 -20.07
N LEU A 179 -5.69 3.81 -21.01
CA LEU A 179 -5.16 4.70 -22.04
C LEU A 179 -4.95 3.92 -23.32
N SER A 180 -4.85 4.65 -24.42
CA SER A 180 -4.65 4.08 -25.74
C SER A 180 -3.34 4.60 -26.32
N SER A 181 -2.79 3.85 -27.27
CA SER A 181 -1.60 4.26 -28.00
C SER A 181 -1.75 3.83 -29.44
N VAL A 182 -1.76 4.78 -30.36
CA VAL A 182 -1.99 4.52 -31.78
C VAL A 182 -0.76 4.94 -32.57
N VAL A 183 -0.72 4.49 -33.83
CA VAL A 183 0.36 4.85 -34.74
C VAL A 183 -0.14 4.71 -36.17
N THR A 184 0.17 5.72 -36.99
CA THR A 184 -0.17 5.67 -38.40
C THR A 184 0.95 4.97 -39.17
N VAL A 185 0.58 4.22 -40.20
CA VAL A 185 1.50 3.26 -40.81
C VAL A 185 1.11 3.03 -42.27
N PRO A 186 2.10 2.81 -43.17
CA PRO A 186 1.76 2.57 -44.57
C PRO A 186 0.92 1.32 -44.75
N SER A 187 -0.16 1.44 -45.53
CA SER A 187 -1.09 0.32 -45.71
C SER A 187 -0.43 -0.85 -46.43
N SER A 188 0.52 -0.57 -47.33
CA SER A 188 1.18 -1.61 -48.08
C SER A 188 2.04 -2.52 -47.21
N SER A 189 2.25 -2.17 -45.94
CA SER A 189 3.13 -2.93 -45.05
C SER A 189 2.36 -3.61 -43.92
N LEU A 190 1.03 -3.64 -43.98
CA LEU A 190 0.26 -4.21 -42.88
C LEU A 190 0.53 -5.69 -42.69
N GLY A 191 0.80 -6.41 -43.78
CA GLY A 191 1.08 -7.83 -43.69
C GLY A 191 2.55 -8.15 -43.58
N THR A 192 3.40 -7.22 -44.05
CA THR A 192 4.84 -7.43 -44.03
C THR A 192 5.47 -7.01 -42.70
N GLN A 193 5.36 -5.72 -42.37
CA GLN A 193 5.97 -5.20 -41.15
C GLN A 193 5.12 -5.58 -39.94
N THR A 194 5.76 -6.17 -38.94
CA THR A 194 5.09 -6.55 -37.70
C THR A 194 5.18 -5.40 -36.69
N TYR A 195 4.06 -5.11 -36.04
CA TYR A 195 3.97 -3.98 -35.12
C TYR A 195 3.67 -4.51 -33.72
N ILE A 196 4.57 -4.24 -32.78
CA ILE A 196 4.47 -4.69 -31.41
C ILE A 196 4.40 -3.46 -30.50
N CYS A 197 3.52 -3.51 -29.51
CA CYS A 197 3.45 -2.49 -28.47
C CYS A 197 3.93 -3.08 -27.16
N ASN A 198 4.90 -2.41 -26.52
CA ASN A 198 5.56 -2.91 -25.33
C ASN A 198 4.96 -2.21 -24.11
N VAL A 199 4.12 -2.93 -23.37
CA VAL A 199 3.40 -2.37 -22.23
C VAL A 199 4.11 -2.79 -20.95
N ASN A 200 4.49 -1.81 -20.14
CA ASN A 200 5.07 -2.03 -18.82
C ASN A 200 4.18 -1.43 -17.75
N HIS A 201 4.02 -2.14 -16.63
CA HIS A 201 3.24 -1.67 -15.49
C HIS A 201 3.95 -2.18 -14.23
N LYS A 202 4.92 -1.40 -13.75
CA LYS A 202 5.80 -1.87 -12.68
C LYS A 202 5.09 -2.22 -11.37
N PRO A 203 4.10 -1.45 -10.89
CA PRO A 203 3.49 -1.81 -9.60
C PRO A 203 2.84 -3.19 -9.58
N SER A 204 2.33 -3.67 -10.72
CA SER A 204 1.76 -5.01 -10.80
C SER A 204 2.71 -6.01 -11.47
N ASN A 205 3.92 -5.57 -11.82
CA ASN A 205 4.91 -6.43 -12.49
C ASN A 205 4.34 -7.00 -13.77
N THR A 206 3.71 -6.15 -14.56
CA THR A 206 3.08 -6.54 -15.82
C THR A 206 3.94 -6.02 -16.98
N LYS A 207 4.60 -6.94 -17.67
CA LYS A 207 5.44 -6.63 -18.82
C LYS A 207 4.91 -7.46 -19.99
N VAL A 208 4.28 -6.78 -20.95
CA VAL A 208 3.60 -7.44 -22.06
C VAL A 208 3.98 -6.76 -23.37
N ASP A 209 4.35 -7.56 -24.35
CA ASP A 209 4.48 -7.13 -25.74
C ASP A 209 3.40 -7.82 -26.54
N LYS A 210 2.55 -7.04 -27.22
CA LYS A 210 1.44 -7.59 -27.98
C LYS A 210 1.54 -7.12 -29.43
N ARG A 211 1.49 -8.06 -30.36
CA ARG A 211 1.45 -7.74 -31.77
C ARG A 211 0.04 -7.31 -32.17
N VAL A 212 -0.05 -6.20 -32.88
CA VAL A 212 -1.28 -5.81 -33.55
C VAL A 212 -1.18 -6.25 -35.00
N GLU A 213 -2.27 -6.77 -35.54
CA GLU A 213 -2.25 -7.45 -36.82
C GLU A 213 -3.62 -7.33 -37.44
N PRO A 214 -3.71 -7.04 -38.74
CA PRO A 214 -5.02 -6.91 -39.39
C PRO A 214 -5.82 -8.20 -39.26
N LYS A 215 -7.07 -8.06 -38.81
CA LYS A 215 -7.92 -9.22 -38.61
C LYS A 215 -8.21 -9.92 -39.93
N SER A 216 -8.04 -11.24 -39.94
CA SER A 216 -8.25 -12.02 -41.15
C SER A 216 -9.72 -12.38 -41.33
N CYS A 217 -10.22 -12.24 -42.55
CA CYS A 217 -11.62 -12.48 -42.85
C CYS A 217 -11.77 -13.53 -43.96
N ASP B 1 12.71 31.78 2.31
CA ASP B 1 13.60 31.34 1.24
C ASP B 1 13.58 32.34 0.10
N ILE B 2 14.25 32.00 -1.00
CA ILE B 2 14.31 32.83 -2.19
C ILE B 2 13.25 32.35 -3.17
N GLN B 3 12.29 33.21 -3.50
CA GLN B 3 11.19 32.86 -4.38
C GLN B 3 11.49 33.33 -5.80
N MET B 4 11.17 32.49 -6.78
CA MET B 4 11.38 32.80 -8.19
C MET B 4 10.01 33.04 -8.83
N ASN B 5 9.81 34.27 -9.32
CA ASN B 5 8.56 34.67 -9.97
C ASN B 5 8.75 34.55 -11.48
N GLN B 6 8.32 33.43 -12.04
CA GLN B 6 8.45 33.20 -13.47
C GLN B 6 7.20 33.68 -14.20
N SER B 7 7.40 34.32 -15.35
CA SER B 7 6.32 34.94 -16.09
C SER B 7 6.68 34.99 -17.56
N PRO B 8 5.72 34.77 -18.47
CA PRO B 8 4.34 34.40 -18.15
C PRO B 8 4.18 32.94 -17.78
N SER B 9 3.03 32.58 -17.22
CA SER B 9 2.77 31.17 -16.93
C SER B 9 2.43 30.38 -18.18
N SER B 10 1.76 31.01 -19.15
CA SER B 10 1.45 30.39 -20.43
C SER B 10 1.70 31.41 -21.52
N LEU B 11 2.23 30.95 -22.65
CA LEU B 11 2.59 31.84 -23.75
C LEU B 11 2.40 31.11 -25.07
N SER B 12 1.65 31.75 -25.97
CA SER B 12 1.37 31.20 -27.30
C SER B 12 1.92 32.15 -28.35
N ALA B 13 2.68 31.62 -29.30
CA ALA B 13 3.33 32.45 -30.30
C ALA B 13 3.53 31.65 -31.58
N SER B 14 3.56 32.37 -32.70
CA SER B 14 3.61 31.76 -34.02
C SER B 14 5.03 31.28 -34.35
N LEU B 15 5.11 30.40 -35.35
CA LEU B 15 6.37 29.79 -35.73
C LEU B 15 7.34 30.84 -36.26
N GLY B 16 8.59 30.74 -35.82
CA GLY B 16 9.63 31.66 -36.24
C GLY B 16 9.83 32.88 -35.36
N ASP B 17 8.90 33.15 -34.45
CA ASP B 17 8.98 34.34 -33.60
C ASP B 17 10.15 34.21 -32.61
N THR B 18 10.35 35.27 -31.84
CA THR B 18 11.33 35.31 -30.76
C THR B 18 10.60 35.39 -29.43
N ILE B 19 11.05 34.61 -28.46
CA ILE B 19 10.35 34.42 -27.19
C ILE B 19 11.27 34.82 -26.05
N THR B 20 10.70 35.53 -25.06
CA THR B 20 11.43 35.92 -23.86
C THR B 20 10.60 35.53 -22.64
N ILE B 21 11.11 34.57 -21.88
CA ILE B 21 10.56 34.22 -20.57
C ILE B 21 11.42 34.89 -19.52
N SER B 22 10.78 35.53 -18.54
CA SER B 22 11.49 36.24 -17.49
C SER B 22 11.27 35.57 -16.14
N CYS B 23 12.27 35.72 -15.27
CA CYS B 23 12.26 35.09 -13.95
C CYS B 23 12.83 36.10 -12.97
N HIS B 24 11.98 36.68 -12.13
CA HIS B 24 12.42 37.65 -11.13
C HIS B 24 12.63 36.96 -9.79
N ALA B 25 13.68 37.37 -9.10
CA ALA B 25 14.07 36.78 -7.83
C ALA B 25 13.72 37.71 -6.67
N SER B 26 13.30 37.12 -5.55
CA SER B 26 12.97 37.91 -4.38
C SER B 26 14.22 38.50 -3.73
N GLN B 27 15.35 37.83 -3.84
CA GLN B 27 16.62 38.31 -3.32
C GLN B 27 17.67 38.25 -4.44
N ASN B 28 18.87 38.74 -4.14
CA ASN B 28 19.97 38.64 -5.08
C ASN B 28 20.49 37.20 -5.14
N ILE B 29 20.59 36.65 -6.35
CA ILE B 29 21.12 35.31 -6.53
C ILE B 29 22.34 35.32 -7.46
N ASN B 30 22.96 36.49 -7.65
CA ASN B 30 24.14 36.64 -8.50
C ASN B 30 23.88 36.12 -9.91
N VAL B 31 24.53 35.02 -10.28
CA VAL B 31 24.35 34.44 -11.60
C VAL B 31 23.97 32.96 -11.48
N TRP B 32 23.64 32.52 -10.27
CA TRP B 32 23.38 31.11 -10.01
C TRP B 32 21.92 30.76 -10.33
N LEU B 33 21.58 30.89 -11.61
CA LEU B 33 20.25 30.60 -12.09
C LEU B 33 20.34 29.72 -13.34
N SER B 34 19.48 28.72 -13.42
CA SER B 34 19.48 27.76 -14.51
C SER B 34 18.11 27.69 -15.16
N TRP B 35 18.07 27.08 -16.34
CA TRP B 35 16.83 26.91 -17.08
C TRP B 35 16.68 25.45 -17.50
N TYR B 36 15.42 24.99 -17.51
CA TYR B 36 15.11 23.60 -17.80
C TYR B 36 13.96 23.54 -18.81
N GLN B 37 13.98 22.48 -19.63
CA GLN B 37 12.96 22.25 -20.64
C GLN B 37 12.36 20.87 -20.43
N GLN B 38 11.02 20.80 -20.37
CA GLN B 38 10.31 19.55 -20.14
C GLN B 38 9.28 19.37 -21.25
N LYS B 39 9.67 18.66 -22.31
CA LYS B 39 8.73 18.34 -23.36
C LYS B 39 7.69 17.35 -22.84
N PRO B 40 6.48 17.37 -23.40
CA PRO B 40 5.46 16.39 -23.00
C PRO B 40 5.56 15.09 -23.78
N GLY B 41 5.84 13.99 -23.08
CA GLY B 41 6.03 14.02 -21.65
C GLY B 41 7.21 13.17 -21.20
N ASN B 42 8.32 13.82 -20.91
CA ASN B 42 9.51 13.13 -20.39
C ASN B 42 10.13 14.00 -19.30
N ILE B 43 11.36 13.70 -18.95
CA ILE B 43 12.03 14.30 -17.79
C ILE B 43 12.51 15.71 -18.12
N PRO B 44 12.67 16.59 -17.12
CA PRO B 44 13.24 17.91 -17.39
C PRO B 44 14.71 17.80 -17.77
N LYS B 45 15.09 18.54 -18.81
CA LYS B 45 16.46 18.55 -19.30
C LYS B 45 17.03 19.96 -19.15
N LEU B 46 18.29 20.03 -18.71
CA LEU B 46 18.95 21.31 -18.50
C LEU B 46 19.23 22.01 -19.83
N LEU B 47 18.74 23.24 -19.95
CA LEU B 47 19.04 24.07 -21.12
C LEU B 47 20.26 24.97 -20.87
N ILE B 48 20.18 25.81 -19.86
CA ILE B 48 21.17 26.84 -19.59
C ILE B 48 21.44 26.88 -18.09
N TYR B 49 22.70 27.01 -17.72
CA TYR B 49 23.07 27.21 -16.32
C TYR B 49 24.03 28.40 -16.23
N GLU B 50 24.19 28.90 -15.01
CA GLU B 50 24.94 30.15 -14.75
C GLU B 50 24.41 31.29 -15.62
N ALA B 51 23.08 31.40 -15.66
CA ALA B 51 22.36 32.49 -16.31
C ALA B 51 22.54 32.52 -17.82
N SER B 52 23.76 32.26 -18.30
CA SER B 52 24.05 32.41 -19.72
C SER B 52 24.88 31.28 -20.34
N THR B 53 25.49 30.41 -19.54
CA THR B 53 26.35 29.36 -20.08
C THR B 53 25.48 28.26 -20.68
N LEU B 54 25.52 28.13 -22.01
CA LEU B 54 24.75 27.09 -22.67
C LEU B 54 25.30 25.71 -22.32
N TYR B 55 24.45 24.71 -22.45
CA TYR B 55 24.83 23.33 -22.24
C TYR B 55 25.01 22.64 -23.59
N THR B 56 26.05 21.81 -23.69
CA THR B 56 26.37 21.17 -24.96
C THR B 56 25.22 20.30 -25.43
N GLY B 57 24.76 20.54 -26.66
CA GLY B 57 23.64 19.84 -27.24
C GLY B 57 22.37 20.66 -27.34
N VAL B 58 22.29 21.77 -26.61
CA VAL B 58 21.12 22.65 -26.69
C VAL B 58 21.25 23.52 -27.92
N PRO B 59 20.21 23.64 -28.76
CA PRO B 59 20.30 24.47 -29.96
C PRO B 59 20.72 25.89 -29.63
N SER B 60 21.39 26.53 -30.59
CA SER B 60 21.88 27.89 -30.41
C SER B 60 20.76 28.90 -30.27
N ARG B 61 19.55 28.55 -30.72
CA ARG B 61 18.42 29.49 -30.64
C ARG B 61 17.98 29.76 -29.21
N PHE B 62 18.45 28.99 -28.24
CA PHE B 62 18.23 29.27 -26.83
C PHE B 62 19.39 30.13 -26.31
N SER B 63 19.06 31.19 -25.60
CA SER B 63 20.07 32.03 -24.96
C SER B 63 19.53 32.54 -23.64
N GLY B 64 20.43 32.73 -22.69
CA GLY B 64 20.05 33.23 -21.37
C GLY B 64 20.93 34.39 -20.96
N SER B 65 20.38 35.22 -20.09
CA SER B 65 21.07 36.41 -19.62
C SER B 65 20.41 36.93 -18.35
N GLY B 66 21.19 37.61 -17.54
CA GLY B 66 20.70 38.24 -16.32
C GLY B 66 21.64 38.08 -15.15
N SER B 67 21.46 38.93 -14.15
CA SER B 67 22.23 38.86 -12.91
C SER B 67 21.38 39.45 -11.79
N GLY B 68 21.83 39.21 -10.56
CA GLY B 68 21.17 39.76 -9.39
C GLY B 68 19.77 39.22 -9.17
N THR B 69 18.76 39.95 -9.68
CA THR B 69 17.37 39.55 -9.50
C THR B 69 16.60 39.47 -10.80
N GLY B 70 17.19 39.84 -11.93
CA GLY B 70 16.49 39.82 -13.20
C GLY B 70 17.13 38.88 -14.20
N PHE B 71 16.32 38.00 -14.80
CA PHE B 71 16.81 36.99 -15.73
C PHE B 71 15.82 36.80 -16.86
N THR B 72 16.32 36.39 -18.02
CA THR B 72 15.49 36.22 -19.19
C THR B 72 16.01 35.07 -20.05
N LEU B 73 15.12 34.14 -20.40
CA LEU B 73 15.44 33.06 -21.32
C LEU B 73 14.90 33.42 -22.70
N THR B 74 15.80 33.57 -23.67
CA THR B 74 15.43 33.99 -25.01
C THR B 74 15.44 32.80 -25.97
N ILE B 75 14.35 32.64 -26.70
CA ILE B 75 14.20 31.57 -27.70
C ILE B 75 13.95 32.25 -29.04
N SER B 76 14.98 32.36 -29.87
CA SER B 76 14.83 32.94 -31.20
C SER B 76 14.47 31.84 -32.20
N SER B 77 13.78 32.23 -33.27
CA SER B 77 13.37 31.32 -34.34
C SER B 77 12.60 30.13 -33.77
N LEU B 78 11.40 30.42 -33.30
CA LEU B 78 10.61 29.43 -32.57
C LEU B 78 10.25 28.26 -33.48
N GLN B 79 10.74 27.07 -33.11
CA GLN B 79 10.54 25.82 -33.85
C GLN B 79 9.54 24.93 -33.12
N PRO B 80 8.85 24.04 -33.83
CA PRO B 80 7.85 23.18 -33.16
C PRO B 80 8.44 22.26 -32.12
N GLU B 81 9.75 21.97 -32.19
CA GLU B 81 10.41 21.15 -31.19
C GLU B 81 10.53 21.85 -29.85
N ASP B 82 10.10 23.10 -29.74
CA ASP B 82 10.20 23.86 -28.51
C ASP B 82 8.93 23.84 -27.69
N ILE B 83 7.94 23.06 -28.10
CA ILE B 83 6.73 22.86 -27.31
C ILE B 83 7.10 22.14 -26.02
N ALA B 84 7.04 22.86 -24.90
CA ALA B 84 7.42 22.33 -23.61
C ALA B 84 7.07 23.35 -22.54
N THR B 85 7.24 22.95 -21.29
CA THR B 85 7.13 23.84 -20.14
C THR B 85 8.53 24.11 -19.62
N TYR B 86 8.82 25.38 -19.37
CA TYR B 86 10.16 25.82 -18.98
C TYR B 86 10.14 26.32 -17.54
N TYR B 87 11.18 25.96 -16.78
CA TYR B 87 11.31 26.36 -15.38
C TYR B 87 12.67 27.00 -15.15
N CYS B 88 12.69 28.06 -14.35
CA CYS B 88 13.93 28.64 -13.88
C CYS B 88 14.22 28.13 -12.47
N GLN B 89 15.49 27.90 -12.17
CA GLN B 89 15.90 27.36 -10.87
C GLN B 89 17.12 28.10 -10.37
N GLN B 90 17.06 28.55 -9.11
CA GLN B 90 18.16 29.25 -8.48
C GLN B 90 18.93 28.30 -7.58
N GLY B 91 20.23 28.57 -7.44
CA GLY B 91 21.08 27.75 -6.60
C GLY B 91 22.03 28.57 -5.75
N GLN B 92 21.64 29.81 -5.46
CA GLN B 92 22.49 30.66 -4.65
C GLN B 92 22.51 30.19 -3.20
N SER B 93 21.37 29.81 -2.66
CA SER B 93 21.28 29.34 -1.29
C SER B 93 20.19 28.28 -1.19
N TYR B 94 20.18 27.55 -0.04
CA TYR B 94 19.18 26.53 0.22
C TYR B 94 18.02 27.09 1.03
N PRO B 95 16.79 26.60 0.81
CA PRO B 95 16.45 25.56 -0.16
C PRO B 95 16.37 26.08 -1.59
N TRP B 96 16.90 25.30 -2.53
CA TRP B 96 16.77 25.65 -3.93
C TRP B 96 15.30 25.73 -4.32
N THR B 97 14.97 26.71 -5.16
CA THR B 97 13.59 26.95 -5.55
C THR B 97 13.48 27.06 -7.06
N PHE B 98 12.39 26.51 -7.59
CA PHE B 98 12.06 26.57 -9.00
C PHE B 98 11.04 27.67 -9.27
N GLY B 99 10.94 28.06 -10.54
CA GLY B 99 9.90 28.98 -10.94
C GLY B 99 8.59 28.28 -11.18
N GLY B 100 7.53 29.07 -11.34
CA GLY B 100 6.20 28.51 -11.52
C GLY B 100 6.08 27.69 -12.79
N GLY B 101 6.89 27.97 -13.79
CA GLY B 101 6.81 27.26 -15.04
C GLY B 101 6.15 28.10 -16.12
N THR B 102 6.49 27.79 -17.37
CA THR B 102 5.99 28.55 -18.53
C THR B 102 5.57 27.56 -19.61
N LYS B 103 4.26 27.39 -19.78
CA LYS B 103 3.73 26.54 -20.84
C LYS B 103 3.81 27.27 -22.17
N LEU B 104 4.57 26.71 -23.11
CA LEU B 104 4.81 27.32 -24.41
C LEU B 104 4.05 26.53 -25.47
N GLU B 105 3.12 27.20 -26.15
CA GLU B 105 2.32 26.60 -27.21
C GLU B 105 2.57 27.32 -28.53
N ILE B 106 2.55 26.56 -29.62
CA ILE B 106 2.71 27.12 -30.95
C ILE B 106 1.35 27.57 -31.46
N LYS B 107 1.30 28.80 -31.99
CA LYS B 107 0.10 29.31 -32.65
C LYS B 107 0.24 29.01 -34.14
N ARG B 108 -0.22 27.84 -34.54
CA ARG B 108 -0.17 27.43 -35.94
C ARG B 108 -1.13 28.29 -36.77
N THR B 109 -0.68 28.69 -37.96
CA THR B 109 -1.45 29.65 -38.74
C THR B 109 -2.61 29.01 -39.49
N THR B 110 -2.46 27.76 -39.93
CA THR B 110 -3.44 27.10 -40.77
C THR B 110 -4.22 26.04 -39.99
N VAL B 111 -5.51 25.93 -40.29
CA VAL B 111 -6.35 24.93 -39.66
C VAL B 111 -6.05 23.56 -40.26
N ALA B 112 -5.94 22.55 -39.39
CA ALA B 112 -5.68 21.17 -39.81
C ALA B 112 -6.89 20.31 -39.51
N ALA B 113 -7.32 19.53 -40.49
CA ALA B 113 -8.47 18.65 -40.36
C ALA B 113 -8.04 17.31 -39.74
N PRO B 114 -8.86 16.74 -38.86
CA PRO B 114 -8.49 15.47 -38.24
C PRO B 114 -8.78 14.29 -39.16
N SER B 115 -7.87 13.32 -39.15
CA SER B 115 -8.11 12.04 -39.80
C SER B 115 -8.84 11.14 -38.81
N VAL B 116 -10.00 10.64 -39.21
CA VAL B 116 -10.90 9.92 -38.31
C VAL B 116 -10.81 8.43 -38.60
N PHE B 117 -10.60 7.64 -37.55
CA PHE B 117 -10.58 6.19 -37.63
C PHE B 117 -11.47 5.62 -36.53
N ILE B 118 -12.07 4.47 -36.81
CA ILE B 118 -12.90 3.77 -35.83
C ILE B 118 -12.39 2.33 -35.73
N PHE B 119 -12.44 1.78 -34.51
CA PHE B 119 -11.92 0.45 -34.23
C PHE B 119 -12.98 -0.37 -33.53
N PRO B 120 -13.38 -1.52 -34.07
CA PRO B 120 -14.27 -2.42 -33.35
C PRO B 120 -13.57 -3.06 -32.17
N PRO B 121 -14.31 -3.57 -31.19
CA PRO B 121 -13.65 -4.23 -30.05
C PRO B 121 -13.08 -5.57 -30.46
N SER B 122 -11.93 -5.91 -29.87
CA SER B 122 -11.29 -7.18 -30.18
C SER B 122 -12.11 -8.34 -29.62
N ASP B 123 -12.14 -9.44 -30.37
CA ASP B 123 -12.80 -10.65 -29.88
C ASP B 123 -12.17 -11.15 -28.59
N GLU B 124 -10.91 -10.80 -28.34
CA GLU B 124 -10.28 -11.15 -27.07
C GLU B 124 -10.96 -10.45 -25.91
N GLN B 125 -11.41 -9.20 -26.12
CA GLN B 125 -12.09 -8.46 -25.06
C GLN B 125 -13.51 -8.95 -24.85
N LEU B 126 -14.18 -9.43 -25.90
CA LEU B 126 -15.55 -9.88 -25.79
C LEU B 126 -15.71 -11.13 -24.94
N LYS B 127 -14.60 -11.76 -24.54
CA LYS B 127 -14.67 -12.88 -23.61
C LYS B 127 -14.77 -12.43 -22.16
N SER B 128 -14.63 -11.13 -21.89
CA SER B 128 -14.58 -10.62 -20.52
C SER B 128 -15.88 -9.98 -20.05
N GLY B 129 -16.81 -9.70 -20.96
CA GLY B 129 -18.09 -9.10 -20.62
C GLY B 129 -18.27 -7.67 -21.09
N THR B 130 -17.17 -6.98 -21.41
CA THR B 130 -17.23 -5.60 -21.88
C THR B 130 -16.73 -5.53 -23.32
N ALA B 131 -17.13 -4.47 -24.02
CA ALA B 131 -16.73 -4.25 -25.40
C ALA B 131 -16.58 -2.76 -25.59
N SER B 132 -15.35 -2.30 -25.83
CA SER B 132 -15.06 -0.88 -25.95
C SER B 132 -14.59 -0.56 -27.37
N VAL B 133 -15.29 0.36 -28.03
CA VAL B 133 -14.90 0.84 -29.35
C VAL B 133 -14.12 2.14 -29.17
N VAL B 134 -13.24 2.43 -30.14
CA VAL B 134 -12.34 3.57 -30.04
C VAL B 134 -12.46 4.40 -31.31
N CYS B 135 -12.51 5.72 -31.15
CA CYS B 135 -12.56 6.66 -32.26
C CYS B 135 -11.33 7.55 -32.19
N LEU B 136 -10.54 7.55 -33.26
CA LEU B 136 -9.28 8.28 -33.29
C LEU B 136 -9.43 9.58 -34.07
N LEU B 137 -8.97 10.67 -33.48
CA LEU B 137 -8.86 11.98 -34.13
C LEU B 137 -7.43 12.45 -33.92
N ASN B 138 -6.57 12.28 -34.92
CA ASN B 138 -5.18 12.68 -34.79
C ASN B 138 -4.82 13.74 -35.82
N ASN B 139 -3.95 14.66 -35.40
CA ASN B 139 -3.33 15.68 -36.24
C ASN B 139 -4.37 16.68 -36.77
N PHE B 140 -4.82 17.54 -35.86
CA PHE B 140 -5.70 18.65 -36.17
C PHE B 140 -5.31 19.83 -35.29
N TYR B 141 -5.52 21.06 -35.78
CA TYR B 141 -5.18 22.27 -35.04
C TYR B 141 -6.32 23.28 -35.02
N PRO B 142 -7.38 22.96 -34.36
CA PRO B 142 -7.78 23.74 -33.19
C PRO B 142 -8.17 22.75 -32.11
N ARG B 143 -7.83 23.01 -30.84
CA ARG B 143 -8.09 22.01 -29.82
C ARG B 143 -9.56 21.63 -29.73
N GLU B 144 -10.45 22.54 -30.11
CA GLU B 144 -11.88 22.29 -29.98
C GLU B 144 -12.34 21.28 -31.03
N ALA B 145 -12.75 20.10 -30.57
CA ALA B 145 -13.38 19.09 -31.41
C ALA B 145 -14.52 18.47 -30.63
N LYS B 146 -15.51 17.94 -31.36
CA LYS B 146 -16.68 17.34 -30.74
C LYS B 146 -16.91 15.95 -31.34
N VAL B 147 -17.06 14.97 -30.47
CA VAL B 147 -17.27 13.58 -30.86
C VAL B 147 -18.62 13.13 -30.32
N GLN B 148 -19.41 12.49 -31.17
CA GLN B 148 -20.70 11.94 -30.79
C GLN B 148 -20.82 10.50 -31.26
N TRP B 149 -21.41 9.66 -30.42
CA TRP B 149 -21.57 8.24 -30.71
C TRP B 149 -23.03 7.94 -31.05
N LYS B 150 -23.23 7.08 -32.06
CA LYS B 150 -24.56 6.61 -32.45
C LYS B 150 -24.53 5.10 -32.58
N VAL B 151 -25.21 4.41 -31.66
CA VAL B 151 -25.34 2.96 -31.71
C VAL B 151 -26.74 2.65 -32.24
N ASP B 152 -26.82 2.30 -33.52
CA ASP B 152 -28.10 2.10 -34.20
C ASP B 152 -28.95 3.36 -34.14
N ASN B 153 -28.33 4.48 -34.51
CA ASN B 153 -28.96 5.80 -34.58
C ASN B 153 -29.46 6.27 -33.23
N ALA B 154 -28.88 5.78 -32.14
CA ALA B 154 -29.21 6.22 -30.79
C ALA B 154 -28.02 6.97 -30.21
N LEU B 155 -28.25 8.22 -29.82
CA LEU B 155 -27.16 9.10 -29.39
C LEU B 155 -26.65 8.66 -28.02
N GLN B 156 -25.45 8.09 -28.00
CA GLN B 156 -24.84 7.63 -26.76
C GLN B 156 -24.28 8.80 -25.96
N SER B 157 -24.62 8.86 -24.68
CA SER B 157 -24.22 9.97 -23.82
C SER B 157 -23.91 9.46 -22.43
N GLY B 158 -22.75 9.84 -21.90
CA GLY B 158 -22.38 9.54 -20.54
C GLY B 158 -21.50 8.32 -20.38
N ASN B 159 -21.41 7.45 -21.39
CA ASN B 159 -20.65 6.22 -21.29
C ASN B 159 -19.43 6.22 -22.22
N SER B 160 -18.83 7.38 -22.43
CA SER B 160 -17.58 7.48 -23.17
C SER B 160 -16.67 8.48 -22.47
N GLN B 161 -15.37 8.31 -22.68
CA GLN B 161 -14.36 9.21 -22.13
C GLN B 161 -13.38 9.58 -23.23
N GLU B 162 -12.77 10.76 -23.10
CA GLU B 162 -11.86 11.28 -24.11
C GLU B 162 -10.56 11.71 -23.48
N SER B 163 -9.53 11.79 -24.33
CA SER B 163 -8.20 12.19 -23.92
C SER B 163 -7.52 12.85 -25.11
N VAL B 164 -6.72 13.89 -24.86
CA VAL B 164 -6.06 14.65 -25.91
C VAL B 164 -4.57 14.76 -25.60
N THR B 165 -3.75 14.55 -26.63
CA THR B 165 -2.32 14.73 -26.48
C THR B 165 -1.97 16.21 -26.43
N GLU B 166 -0.69 16.49 -26.20
CA GLU B 166 -0.20 17.86 -26.32
C GLU B 166 0.13 18.15 -27.78
N GLN B 167 0.67 19.34 -28.03
CA GLN B 167 1.03 19.71 -29.39
C GLN B 167 2.14 18.79 -29.91
N ASP B 168 1.89 18.20 -31.08
CA ASP B 168 2.91 17.38 -31.72
C ASP B 168 4.14 18.24 -32.03
N SER B 169 5.31 17.73 -31.65
CA SER B 169 6.55 18.48 -31.88
C SER B 169 6.97 18.51 -33.35
N LYS B 170 6.14 18.07 -34.28
CA LYS B 170 6.49 18.07 -35.70
C LYS B 170 5.60 18.98 -36.52
N ASP B 171 4.28 18.82 -36.44
CA ASP B 171 3.34 19.66 -37.17
C ASP B 171 2.48 20.53 -36.26
N SER B 172 2.80 20.58 -34.97
CA SER B 172 2.14 21.47 -34.01
C SER B 172 0.64 21.20 -33.90
N THR B 173 0.24 19.94 -34.06
CA THR B 173 -1.16 19.53 -34.03
C THR B 173 -1.45 18.76 -32.74
N TYR B 174 -2.73 18.42 -32.57
CA TYR B 174 -3.21 17.64 -31.44
C TYR B 174 -3.76 16.31 -31.93
N SER B 175 -4.07 15.44 -30.96
CA SER B 175 -4.69 14.15 -31.26
C SER B 175 -5.64 13.78 -30.14
N LEU B 176 -6.76 13.15 -30.50
CA LEU B 176 -7.81 12.83 -29.56
C LEU B 176 -8.28 11.39 -29.78
N SER B 177 -8.56 10.69 -28.69
CA SER B 177 -9.04 9.31 -28.75
C SER B 177 -10.20 9.14 -27.79
N SER B 178 -11.36 8.74 -28.30
CA SER B 178 -12.56 8.58 -27.52
C SER B 178 -12.91 7.10 -27.42
N THR B 179 -13.15 6.63 -26.20
CA THR B 179 -13.44 5.23 -25.93
C THR B 179 -14.88 5.10 -25.44
N LEU B 180 -15.72 4.42 -26.22
CA LEU B 180 -17.09 4.12 -25.84
C LEU B 180 -17.14 2.69 -25.29
N THR B 181 -17.52 2.56 -24.01
CA THR B 181 -17.50 1.27 -23.34
C THR B 181 -18.93 0.75 -23.20
N LEU B 182 -19.18 -0.43 -23.74
CA LEU B 182 -20.48 -1.11 -23.63
C LEU B 182 -20.28 -2.49 -23.02
N SER B 183 -21.34 -3.01 -22.43
CA SER B 183 -21.34 -4.39 -22.00
C SER B 183 -21.46 -5.31 -23.21
N LYS B 184 -20.96 -6.54 -23.06
CA LYS B 184 -20.99 -7.48 -24.18
C LYS B 184 -22.42 -7.71 -24.67
N ALA B 185 -23.37 -7.80 -23.74
CA ALA B 185 -24.77 -8.01 -24.13
C ALA B 185 -25.27 -6.86 -24.99
N ASP B 186 -24.97 -5.62 -24.59
CA ASP B 186 -25.42 -4.46 -25.34
C ASP B 186 -24.77 -4.41 -26.71
N TYR B 187 -23.51 -4.82 -26.81
CA TYR B 187 -22.80 -4.78 -28.09
C TYR B 187 -23.40 -5.76 -29.09
N GLU B 188 -23.71 -6.98 -28.64
CA GLU B 188 -24.24 -7.97 -29.56
C GLU B 188 -25.69 -7.69 -29.96
N LYS B 189 -26.38 -6.80 -29.28
CA LYS B 189 -27.78 -6.54 -29.60
C LYS B 189 -27.94 -5.51 -30.71
N HIS B 190 -26.90 -4.75 -31.04
CA HIS B 190 -26.97 -3.71 -32.04
C HIS B 190 -25.91 -3.94 -33.11
N LYS B 191 -26.19 -3.43 -34.32
CA LYS B 191 -25.33 -3.66 -35.47
C LYS B 191 -24.48 -2.45 -35.83
N VAL B 192 -25.09 -1.27 -35.95
CA VAL B 192 -24.43 -0.10 -36.52
C VAL B 192 -23.78 0.72 -35.41
N TYR B 193 -22.49 1.03 -35.58
CA TYR B 193 -21.73 1.86 -34.66
C TYR B 193 -21.06 2.96 -35.46
N ALA B 194 -21.35 4.22 -35.11
CA ALA B 194 -20.83 5.36 -35.85
C ALA B 194 -20.15 6.34 -34.91
N CYS B 195 -19.27 7.16 -35.49
CA CYS B 195 -18.55 8.20 -34.75
C CYS B 195 -18.61 9.47 -35.60
N GLU B 196 -19.47 10.41 -35.20
CA GLU B 196 -19.67 11.65 -35.94
C GLU B 196 -18.80 12.74 -35.31
N VAL B 197 -17.87 13.27 -36.10
CA VAL B 197 -16.89 14.24 -35.63
C VAL B 197 -17.14 15.56 -36.34
N THR B 198 -17.46 16.60 -35.58
CA THR B 198 -17.54 17.96 -36.10
C THR B 198 -16.24 18.68 -35.81
N HIS B 199 -15.90 19.64 -36.68
CA HIS B 199 -14.61 20.29 -36.56
C HIS B 199 -14.58 21.53 -37.45
N GLN B 200 -13.66 22.44 -37.12
CA GLN B 200 -13.52 23.67 -37.88
C GLN B 200 -12.90 23.42 -39.25
N GLY B 201 -12.08 22.38 -39.38
CA GLY B 201 -11.42 22.08 -40.63
C GLY B 201 -12.14 21.10 -41.53
N LEU B 202 -13.39 20.76 -41.22
CA LEU B 202 -14.11 19.72 -41.96
C LEU B 202 -15.19 20.26 -42.90
N SER B 203 -15.75 21.43 -42.62
CA SER B 203 -16.78 22.07 -43.44
C SER B 203 -18.10 21.31 -43.39
N SER B 204 -18.05 20.04 -42.99
CA SER B 204 -19.23 19.19 -42.80
C SER B 204 -18.83 18.02 -41.93
N PRO B 205 -19.64 17.67 -40.92
CA PRO B 205 -19.25 16.59 -40.01
C PRO B 205 -19.01 15.28 -40.76
N VAL B 206 -17.95 14.58 -40.36
CA VAL B 206 -17.59 13.30 -40.93
C VAL B 206 -18.02 12.21 -39.96
N THR B 207 -18.28 11.02 -40.50
CA THR B 207 -18.79 9.90 -39.71
C THR B 207 -18.14 8.61 -40.20
N LYS B 208 -17.32 8.00 -39.35
CA LYS B 208 -16.78 6.67 -39.60
C LYS B 208 -17.65 5.64 -38.89
N SER B 209 -18.15 4.66 -39.63
CA SER B 209 -19.07 3.68 -39.10
C SER B 209 -18.59 2.27 -39.42
N PHE B 210 -19.15 1.31 -38.69
CA PHE B 210 -18.91 -0.11 -38.98
C PHE B 210 -20.06 -0.91 -38.39
N ASN B 211 -20.36 -2.04 -39.04
CA ASN B 211 -21.36 -2.97 -38.55
C ASN B 211 -20.67 -4.15 -37.88
N ARG B 212 -21.21 -4.59 -36.75
CA ARG B 212 -20.66 -5.78 -36.12
C ARG B 212 -20.97 -7.00 -36.98
N GLY B 213 -19.98 -7.86 -37.14
CA GLY B 213 -20.11 -9.02 -37.99
C GLY B 213 -19.73 -8.82 -39.44
N GLU B 214 -19.09 -7.69 -39.78
CA GLU B 214 -18.60 -7.50 -41.14
C GLU B 214 -17.54 -8.53 -41.48
N CYS B 215 -16.52 -8.66 -40.62
CA CYS B 215 -15.42 -9.59 -40.85
C CYS B 215 -15.64 -10.89 -40.09
N THR C 25 33.47 23.70 -2.63
CA THR C 25 32.20 24.19 -3.15
C THR C 25 31.58 23.17 -4.11
N PRO C 27 28.42 22.07 -7.15
CA PRO C 27 27.65 22.63 -8.25
C PRO C 27 26.30 23.20 -7.82
N ARG C 28 25.74 24.11 -8.61
CA ARG C 28 24.52 24.83 -8.24
C ARG C 28 23.38 24.60 -9.23
N HIS C 29 23.45 23.53 -10.02
CA HIS C 29 22.36 23.17 -10.91
C HIS C 29 22.27 21.65 -11.00
N LEU C 30 21.16 21.18 -11.54
CA LEU C 30 20.92 19.74 -11.64
C LEU C 30 21.32 19.21 -13.01
N GLN D 3 -1.51 -23.94 0.95
CA GLN D 3 -1.94 -23.04 2.02
C GLN D 3 -2.56 -21.76 1.45
N LEU D 4 -2.99 -20.87 2.34
CA LEU D 4 -3.62 -19.62 1.94
C LEU D 4 -2.99 -18.46 2.69
N GLN D 5 -2.91 -17.32 2.01
CA GLN D 5 -2.48 -16.07 2.62
C GLN D 5 -3.31 -14.93 2.06
N GLN D 6 -3.75 -14.04 2.94
CA GLN D 6 -4.65 -12.95 2.56
C GLN D 6 -3.86 -11.64 2.47
N SER D 7 -4.57 -10.53 2.30
CA SER D 7 -3.95 -9.22 2.17
C SER D 7 -3.46 -8.75 3.55
N GLY D 8 -2.82 -7.58 3.56
CA GLY D 8 -2.27 -7.03 4.77
C GLY D 8 -3.30 -6.26 5.59
N ALA D 9 -2.80 -5.60 6.63
CA ALA D 9 -3.67 -4.82 7.50
C ALA D 9 -4.06 -3.51 6.82
N GLU D 10 -5.36 -3.18 6.88
CA GLU D 10 -5.90 -2.02 6.19
C GLU D 10 -6.63 -1.10 7.16
N LEU D 11 -6.41 0.20 6.99
CA LEU D 11 -7.13 1.23 7.73
C LEU D 11 -7.89 2.08 6.74
N VAL D 12 -9.21 2.14 6.90
CA VAL D 12 -10.08 2.87 5.98
C VAL D 12 -11.11 3.67 6.78
N GLN D 13 -11.72 4.68 6.10
CA GLN D 13 -12.64 5.63 6.70
C GLN D 13 -14.06 5.10 6.70
N PRO D 14 -14.89 5.52 7.67
CA PRO D 14 -16.27 5.06 7.72
C PRO D 14 -17.05 5.47 6.47
N GLY D 15 -17.88 4.55 6.00
CA GLY D 15 -18.67 4.78 4.80
C GLY D 15 -17.96 4.44 3.50
N ALA D 16 -16.74 3.93 3.57
CA ALA D 16 -15.98 3.59 2.36
C ALA D 16 -16.16 2.13 2.00
N SER D 17 -15.13 1.54 1.38
CA SER D 17 -15.17 0.14 0.98
C SER D 17 -13.75 -0.37 0.81
N VAL D 18 -13.60 -1.68 0.98
CA VAL D 18 -12.30 -2.35 0.85
C VAL D 18 -12.44 -3.50 -0.14
N LYS D 19 -11.29 -4.08 -0.50
CA LYS D 19 -11.21 -5.22 -1.42
C LYS D 19 -10.26 -6.24 -0.80
N LEU D 20 -10.77 -7.01 0.15
CA LEU D 20 -9.96 -8.03 0.80
C LEU D 20 -9.74 -9.21 -0.13
N SER D 21 -8.51 -9.69 -0.21
CA SER D 21 -8.12 -10.74 -1.15
C SER D 21 -7.71 -12.00 -0.41
N CYS D 22 -7.62 -13.09 -1.18
CA CYS D 22 -7.20 -14.38 -0.65
C CYS D 22 -6.58 -15.17 -1.81
N THR D 23 -5.26 -15.36 -1.77
CA THR D 23 -4.55 -16.05 -2.84
C THR D 23 -4.32 -17.51 -2.46
N ALA D 24 -4.51 -18.39 -3.43
CA ALA D 24 -4.38 -19.83 -3.22
C ALA D 24 -3.03 -20.32 -3.72
N SER D 25 -2.42 -21.25 -2.94
CA SER D 25 -1.11 -21.82 -3.26
C SER D 25 -1.15 -23.29 -2.85
N GLY D 26 -1.80 -24.11 -3.68
CA GLY D 26 -1.92 -25.54 -3.41
C GLY D 26 -3.12 -26.15 -4.10
N PHE D 27 -4.10 -25.33 -4.45
CA PHE D 27 -5.29 -25.79 -5.15
C PHE D 27 -5.94 -24.59 -5.84
N ASN D 28 -6.87 -24.89 -6.73
CA ASN D 28 -7.51 -23.85 -7.53
C ASN D 28 -8.79 -23.37 -6.87
N ILE D 29 -9.21 -22.16 -7.25
CA ILE D 29 -10.40 -21.55 -6.66
C ILE D 29 -11.65 -22.31 -7.09
N LYS D 30 -11.74 -22.65 -8.38
CA LYS D 30 -12.91 -23.34 -8.91
C LYS D 30 -12.95 -24.82 -8.57
N ASP D 31 -11.98 -25.33 -7.83
CA ASP D 31 -11.93 -26.73 -7.43
C ASP D 31 -12.42 -26.94 -6.00
N THR D 32 -13.11 -25.96 -5.43
CA THR D 32 -13.53 -25.99 -4.03
C THR D 32 -14.50 -24.84 -3.80
N SER D 33 -15.04 -24.78 -2.58
CA SER D 33 -15.93 -23.72 -2.16
C SER D 33 -15.20 -22.78 -1.20
N MET D 34 -15.43 -21.48 -1.37
CA MET D 34 -14.77 -20.46 -0.57
C MET D 34 -15.74 -19.85 0.44
N HIS D 35 -15.27 -19.67 1.67
CA HIS D 35 -16.05 -19.09 2.75
C HIS D 35 -15.33 -17.88 3.33
N TRP D 36 -16.10 -17.00 3.96
CA TRP D 36 -15.56 -15.85 4.66
C TRP D 36 -16.16 -15.80 6.07
N VAL D 37 -15.29 -15.75 7.08
CA VAL D 37 -15.70 -15.65 8.46
C VAL D 37 -14.94 -14.48 9.09
N ARG D 38 -15.66 -13.59 9.76
CA ARG D 38 -15.05 -12.46 10.45
C ARG D 38 -15.09 -12.67 11.95
N GLN D 39 -14.21 -11.96 12.66
CA GLN D 39 -14.09 -12.08 14.11
C GLN D 39 -13.82 -10.68 14.67
N ARG D 40 -14.84 -10.07 15.25
CA ARG D 40 -14.68 -8.78 15.90
C ARG D 40 -13.78 -8.92 17.14
N PRO D 41 -13.11 -7.83 17.54
CA PRO D 41 -12.15 -7.91 18.65
C PRO D 41 -12.77 -8.47 19.92
N GLU D 42 -12.16 -9.54 20.44
CA GLU D 42 -12.59 -10.20 21.66
C GLU D 42 -14.03 -10.70 21.56
N GLN D 43 -14.46 -11.05 20.36
CA GLN D 43 -15.80 -11.53 20.08
C GLN D 43 -15.72 -12.92 19.44
N GLY D 44 -16.90 -13.50 19.18
CA GLY D 44 -16.99 -14.82 18.59
C GLY D 44 -16.71 -14.82 17.11
N LEU D 45 -17.12 -15.90 16.46
CA LEU D 45 -16.94 -16.09 15.02
C LEU D 45 -18.27 -15.87 14.32
N GLU D 46 -18.29 -14.94 13.36
CA GLU D 46 -19.47 -14.64 12.58
C GLU D 46 -19.25 -15.12 11.15
N TRP D 47 -20.13 -15.99 10.68
CA TRP D 47 -20.08 -16.46 9.30
C TRP D 47 -20.70 -15.42 8.39
N ILE D 48 -19.94 -14.99 7.38
CA ILE D 48 -20.42 -13.96 6.45
C ILE D 48 -21.17 -14.64 5.32
N GLY D 49 -20.51 -15.54 4.61
CA GLY D 49 -21.17 -16.23 3.51
C GLY D 49 -20.20 -17.15 2.80
N ARG D 50 -20.62 -17.62 1.63
CA ARG D 50 -19.80 -18.50 0.81
C ARG D 50 -20.13 -18.29 -0.66
N ILE D 51 -19.36 -18.95 -1.52
CA ILE D 51 -19.55 -18.88 -2.97
C ILE D 51 -19.32 -20.26 -3.55
N ALA D 52 -20.11 -20.61 -4.58
CA ALA D 52 -19.90 -21.82 -5.33
C ALA D 52 -18.71 -21.65 -6.29
N PRO D 53 -18.10 -22.76 -6.73
CA PRO D 53 -16.87 -22.64 -7.53
C PRO D 53 -17.08 -21.91 -8.85
N ALA D 54 -16.12 -21.05 -9.18
CA ALA D 54 -16.05 -20.36 -10.46
C ALA D 54 -17.32 -19.56 -10.78
N ASN D 55 -18.00 -19.07 -9.73
CA ASN D 55 -19.23 -18.30 -9.85
C ASN D 55 -20.38 -19.16 -10.39
N GLY D 56 -21.58 -18.96 -9.87
CA GLY D 56 -21.81 -18.00 -8.80
C GLY D 56 -22.40 -18.63 -7.55
N ASN D 57 -23.73 -18.64 -7.49
CA ASN D 57 -24.48 -19.20 -6.36
C ASN D 57 -23.93 -18.67 -5.04
N THR D 58 -23.84 -17.35 -4.94
CA THR D 58 -23.33 -16.70 -3.74
C THR D 58 -24.36 -16.85 -2.62
N LYS D 59 -23.94 -17.45 -1.51
CA LYS D 59 -24.78 -17.64 -0.33
C LYS D 59 -24.27 -16.75 0.78
N TYR D 60 -25.14 -15.90 1.31
CA TYR D 60 -24.76 -14.92 2.32
C TYR D 60 -25.50 -15.18 3.63
N ASP D 61 -25.34 -14.27 4.59
CA ASP D 61 -25.97 -14.21 5.88
C ASP D 61 -26.87 -12.97 5.97
N PRO D 62 -28.04 -13.06 6.61
CA PRO D 62 -28.94 -11.90 6.66
C PRO D 62 -28.29 -10.61 7.15
N LYS D 63 -27.40 -10.69 8.14
CA LYS D 63 -26.82 -9.48 8.72
C LYS D 63 -25.89 -8.78 7.74
N PHE D 64 -25.04 -9.53 7.05
CA PHE D 64 -24.05 -8.98 6.14
C PHE D 64 -24.57 -8.83 4.71
N GLN D 65 -25.83 -9.18 4.46
CA GLN D 65 -26.37 -9.20 3.11
C GLN D 65 -26.41 -7.81 2.49
N GLY D 66 -26.05 -7.73 1.21
CA GLY D 66 -26.10 -6.49 0.47
C GLY D 66 -24.78 -5.74 0.46
N LYS D 67 -24.14 -5.65 1.62
CA LYS D 67 -22.91 -4.91 1.73
C LYS D 67 -21.70 -5.76 1.34
N ALA D 68 -21.69 -7.03 1.74
CA ALA D 68 -20.61 -7.96 1.43
C ALA D 68 -20.97 -8.77 0.19
N THR D 69 -20.03 -8.87 -0.74
CA THR D 69 -20.25 -9.59 -2.00
C THR D 69 -19.04 -10.44 -2.29
N ILE D 70 -19.19 -11.76 -2.18
CA ILE D 70 -18.10 -12.70 -2.40
C ILE D 70 -18.00 -13.01 -3.88
N THR D 71 -16.85 -12.72 -4.48
CA THR D 71 -16.60 -12.96 -5.89
C THR D 71 -15.24 -13.64 -6.05
N THR D 72 -15.03 -14.24 -7.21
CA THR D 72 -13.81 -14.96 -7.51
C THR D 72 -13.28 -14.57 -8.89
N ASP D 73 -11.95 -14.58 -9.02
CA ASP D 73 -11.27 -14.25 -10.26
C ASP D 73 -10.29 -15.39 -10.55
N THR D 74 -10.69 -16.30 -11.44
CA THR D 74 -9.85 -17.46 -11.73
C THR D 74 -8.58 -17.10 -12.50
N SER D 75 -8.53 -15.90 -13.08
CA SER D 75 -7.32 -15.48 -13.80
C SER D 75 -6.14 -15.37 -12.85
N SER D 76 -6.23 -14.47 -11.86
CA SER D 76 -5.17 -14.30 -10.89
C SER D 76 -5.10 -15.45 -9.89
N ASN D 77 -6.06 -16.38 -9.92
CA ASN D 77 -6.16 -17.48 -8.96
C ASN D 77 -6.27 -16.93 -7.54
N THR D 78 -7.24 -16.04 -7.33
CA THR D 78 -7.48 -15.40 -6.05
C THR D 78 -8.97 -15.43 -5.73
N ALA D 79 -9.31 -15.00 -4.52
CA ALA D 79 -10.69 -14.85 -4.09
C ALA D 79 -10.82 -13.53 -3.34
N TYR D 80 -11.95 -12.85 -3.55
CA TYR D 80 -12.13 -11.49 -3.06
C TYR D 80 -13.31 -11.39 -2.11
N LEU D 81 -13.35 -10.26 -1.40
CA LEU D 81 -14.47 -9.90 -0.54
C LEU D 81 -14.59 -8.39 -0.54
N GLN D 82 -15.75 -7.88 -0.94
CA GLN D 82 -15.98 -6.44 -1.03
C GLN D 82 -17.02 -6.04 0.01
N LEU D 83 -16.61 -5.24 0.99
CA LEU D 83 -17.50 -4.73 2.03
C LEU D 83 -17.84 -3.28 1.73
N SER D 84 -19.13 -2.97 1.75
CA SER D 84 -19.62 -1.62 1.52
C SER D 84 -20.35 -1.13 2.76
N SER D 85 -20.55 0.18 2.83
CA SER D 85 -21.20 0.83 3.98
C SER D 85 -20.46 0.49 5.27
N LEU D 86 -19.18 0.82 5.29
CA LEU D 86 -18.33 0.47 6.43
C LEU D 86 -18.65 1.37 7.62
N THR D 87 -19.04 0.76 8.73
CA THR D 87 -19.27 1.45 10.00
C THR D 87 -18.25 0.96 11.01
N SER D 88 -18.21 1.62 12.17
CA SER D 88 -17.33 1.21 13.28
C SER D 88 -17.61 -0.19 13.79
N GLU D 89 -18.65 -0.88 13.27
CA GLU D 89 -18.93 -2.26 13.65
C GLU D 89 -18.14 -3.24 12.81
N ASP D 90 -17.70 -2.84 11.62
CA ASP D 90 -17.07 -3.72 10.66
C ASP D 90 -15.59 -3.93 10.91
N THR D 91 -14.99 -3.21 11.86
CA THR D 91 -13.58 -3.43 12.17
C THR D 91 -13.42 -4.76 12.90
N ALA D 92 -12.72 -5.69 12.27
CA ALA D 92 -12.58 -7.05 12.76
C ALA D 92 -11.45 -7.72 12.00
N VAL D 93 -11.28 -9.03 12.24
CA VAL D 93 -10.33 -9.86 11.51
C VAL D 93 -11.13 -10.75 10.57
N TYR D 94 -10.74 -10.77 9.30
CA TYR D 94 -11.48 -11.47 8.26
C TYR D 94 -10.70 -12.70 7.82
N TYR D 95 -11.32 -13.87 7.96
CA TYR D 95 -10.68 -15.15 7.66
C TYR D 95 -11.19 -15.71 6.35
N CYS D 96 -10.28 -16.32 5.59
CA CYS D 96 -10.57 -16.99 4.34
C CYS D 96 -10.14 -18.45 4.45
N SER D 97 -10.94 -19.35 3.90
CA SER D 97 -10.62 -20.77 3.93
C SER D 97 -11.48 -21.47 2.88
N GLY D 98 -11.49 -22.80 2.92
CA GLY D 98 -12.27 -23.58 1.99
C GLY D 98 -12.97 -24.71 2.70
N SER D 99 -14.03 -25.21 2.06
CA SER D 99 -14.75 -26.36 2.58
C SER D 99 -13.95 -27.63 2.34
N GLY D 100 -13.91 -28.48 3.37
CA GLY D 100 -13.14 -29.71 3.32
C GLY D 100 -12.11 -29.76 4.43
N ASN D 101 -10.90 -30.21 4.08
CA ASN D 101 -9.83 -30.34 5.06
C ASN D 101 -8.64 -29.44 4.72
N TYR D 102 -8.92 -28.18 4.41
CA TYR D 102 -7.89 -27.20 4.14
C TYR D 102 -7.63 -26.35 5.38
N ASP D 103 -6.61 -25.51 5.30
CA ASP D 103 -6.29 -24.58 6.37
C ASP D 103 -7.01 -23.25 6.15
N TRP D 104 -6.94 -22.39 7.16
CA TRP D 104 -7.54 -21.07 7.10
C TRP D 104 -6.49 -20.02 6.75
N GLY D 105 -6.94 -18.92 6.17
CA GLY D 105 -6.05 -17.83 5.85
C GLY D 105 -5.48 -17.18 7.11
N GLN D 106 -4.45 -16.35 6.90
CA GLN D 106 -3.78 -15.73 8.02
C GLN D 106 -4.63 -14.65 8.69
N GLY D 107 -5.68 -14.19 8.03
CA GLY D 107 -6.57 -13.20 8.61
C GLY D 107 -6.05 -11.78 8.47
N THR D 108 -6.89 -10.90 7.95
CA THR D 108 -6.56 -9.49 7.78
C THR D 108 -7.21 -8.68 8.88
N THR D 109 -6.42 -7.81 9.52
CA THR D 109 -6.94 -6.93 10.57
C THR D 109 -7.39 -5.63 9.91
N LEU D 110 -8.70 -5.51 9.70
CA LEU D 110 -9.30 -4.33 9.09
C LEU D 110 -9.87 -3.43 10.18
N THR D 111 -9.37 -2.20 10.25
CA THR D 111 -9.83 -1.21 11.23
C THR D 111 -10.45 -0.03 10.49
N VAL D 112 -11.65 0.35 10.90
CA VAL D 112 -12.36 1.48 10.33
C VAL D 112 -12.43 2.57 11.40
N SER D 113 -11.87 3.73 11.09
CA SER D 113 -11.81 4.83 12.05
C SER D 113 -11.56 6.13 11.30
N SER D 114 -11.83 7.24 11.99
CA SER D 114 -11.56 8.55 11.43
C SER D 114 -10.10 8.94 11.54
N ALA D 115 -9.35 8.31 12.44
CA ALA D 115 -7.96 8.67 12.67
C ALA D 115 -7.08 8.22 11.51
N SER D 116 -5.82 8.64 11.56
CA SER D 116 -4.83 8.35 10.53
C SER D 116 -3.86 7.29 11.01
N THR D 117 -3.20 6.64 10.06
CA THR D 117 -2.17 5.67 10.39
C THR D 117 -0.96 6.38 10.99
N LYS D 118 -0.44 5.83 12.09
CA LYS D 118 0.74 6.37 12.73
C LYS D 118 1.73 5.23 12.99
N GLY D 119 3.00 5.47 12.68
CA GLY D 119 4.04 4.48 12.85
C GLY D 119 4.51 4.39 14.29
N PRO D 120 4.96 3.21 14.69
CA PRO D 120 5.42 3.03 16.07
C PRO D 120 6.82 3.57 16.29
N SER D 121 7.13 3.79 17.56
CA SER D 121 8.46 4.17 18.01
C SER D 121 8.92 3.10 19.00
N VAL D 122 10.06 2.47 18.70
CA VAL D 122 10.54 1.33 19.46
C VAL D 122 11.67 1.79 20.38
N PHE D 123 11.47 1.62 21.68
CA PHE D 123 12.47 2.00 22.66
C PHE D 123 12.97 0.77 23.40
N PRO D 124 14.26 0.72 23.72
CA PRO D 124 14.81 -0.48 24.38
C PRO D 124 14.49 -0.53 25.87
N LEU D 125 14.26 -1.75 26.34
CA LEU D 125 14.13 -2.03 27.78
C LEU D 125 15.43 -2.69 28.21
N ALA D 126 16.35 -1.89 28.73
CA ALA D 126 17.71 -2.36 28.97
C ALA D 126 17.74 -3.36 30.13
N PRO D 127 18.49 -4.45 29.99
CA PRO D 127 18.61 -5.41 31.10
C PRO D 127 19.55 -4.89 32.18
N SER D 128 19.16 -5.12 33.43
CA SER D 128 19.92 -4.62 34.57
C SER D 128 21.28 -5.29 34.65
N SER D 129 22.26 -4.56 35.20
CA SER D 129 23.57 -5.11 35.44
C SER D 129 23.58 -6.08 36.62
N LYS D 130 22.56 -6.04 37.47
CA LYS D 130 22.47 -6.96 38.59
C LYS D 130 22.10 -8.35 38.08
N SER D 131 22.82 -9.36 38.57
CA SER D 131 22.62 -10.75 38.15
C SER D 131 22.37 -11.61 39.39
N THR D 132 21.11 -12.04 39.56
CA THR D 132 20.75 -12.89 40.69
C THR D 132 21.11 -14.34 40.41
N SER D 133 20.39 -15.27 41.05
CA SER D 133 20.66 -16.69 40.83
C SER D 133 20.21 -17.11 39.43
N GLY D 134 20.97 -18.02 38.83
CA GLY D 134 20.72 -18.44 37.47
C GLY D 134 21.94 -18.34 36.59
N GLY D 135 22.25 -17.15 36.09
CA GLY D 135 21.45 -15.98 36.37
C GLY D 135 20.45 -15.67 35.26
N THR D 136 19.26 -15.21 35.64
CA THR D 136 18.20 -14.88 34.70
C THR D 136 17.99 -13.37 34.69
N ALA D 137 17.95 -12.79 33.49
CA ALA D 137 17.77 -11.36 33.32
C ALA D 137 16.74 -11.09 32.24
N ALA D 138 16.08 -9.93 32.35
CA ALA D 138 15.00 -9.56 31.46
C ALA D 138 15.42 -8.38 30.59
N LEU D 139 15.12 -8.47 29.30
CA LEU D 139 15.28 -7.37 28.36
C LEU D 139 14.09 -7.38 27.42
N GLY D 140 13.80 -6.24 26.82
CA GLY D 140 12.64 -6.17 25.97
C GLY D 140 12.60 -4.92 25.11
N CYS D 141 11.48 -4.77 24.42
CA CYS D 141 11.23 -3.63 23.55
C CYS D 141 9.90 -2.99 23.91
N LEU D 142 9.87 -1.66 23.87
CA LEU D 142 8.66 -0.89 24.14
C LEU D 142 8.19 -0.28 22.83
N VAL D 143 7.04 -0.74 22.36
CA VAL D 143 6.41 -0.22 21.14
C VAL D 143 5.35 0.78 21.58
N LYS D 144 5.58 2.06 21.30
CA LYS D 144 4.73 3.12 21.81
C LYS D 144 4.19 3.97 20.67
N ASP D 145 2.92 4.37 20.80
CA ASP D 145 2.26 5.33 19.92
C ASP D 145 2.22 4.86 18.47
N TYR D 146 1.21 4.06 18.13
CA TYR D 146 1.01 3.62 16.75
C TYR D 146 -0.47 3.38 16.53
N PHE D 147 -0.85 3.31 15.24
CA PHE D 147 -2.24 3.13 14.85
C PHE D 147 -2.31 2.78 13.37
N PRO D 148 -3.19 1.86 12.95
CA PRO D 148 -4.03 1.06 13.85
C PRO D 148 -3.35 -0.24 14.25
N GLU D 149 -4.12 -1.21 14.67
CA GLU D 149 -3.57 -2.51 15.03
C GLU D 149 -3.39 -3.37 13.79
N PRO D 150 -2.48 -4.36 13.83
CA PRO D 150 -1.59 -4.69 14.95
C PRO D 150 -0.12 -4.44 14.65
N VAL D 151 0.74 -4.94 15.53
CA VAL D 151 2.18 -4.96 15.31
C VAL D 151 2.66 -6.40 15.45
N THR D 152 3.74 -6.72 14.75
CA THR D 152 4.32 -8.07 14.75
C THR D 152 5.76 -7.96 15.24
N VAL D 153 5.96 -8.14 16.54
CA VAL D 153 7.29 -8.06 17.14
C VAL D 153 7.85 -9.47 17.25
N SER D 154 9.11 -9.63 16.87
CA SER D 154 9.82 -10.89 17.01
C SER D 154 11.25 -10.59 17.44
N TRP D 155 11.91 -11.61 17.99
CA TRP D 155 13.25 -11.46 18.55
C TRP D 155 14.26 -12.23 17.71
N ASN D 156 15.35 -11.55 17.33
CA ASN D 156 16.43 -12.12 16.52
C ASN D 156 15.91 -12.62 15.17
N SER D 157 14.94 -11.92 14.59
CA SER D 157 14.41 -12.22 13.27
C SER D 157 13.96 -13.68 13.15
N GLY D 158 13.29 -14.17 14.19
CA GLY D 158 12.75 -15.52 14.18
C GLY D 158 13.60 -16.56 14.87
N ALA D 159 14.76 -16.18 15.41
CA ALA D 159 15.62 -17.15 16.08
C ALA D 159 15.16 -17.42 17.51
N LEU D 160 15.06 -16.36 18.31
CA LEU D 160 14.65 -16.49 19.71
C LEU D 160 13.12 -16.53 19.79
N THR D 161 12.59 -17.67 20.27
CA THR D 161 11.15 -17.82 20.43
C THR D 161 10.73 -18.34 21.80
N SER D 162 11.66 -18.79 22.63
CA SER D 162 11.34 -19.36 23.93
C SER D 162 11.53 -18.31 25.01
N GLY D 163 10.56 -18.22 25.92
CA GLY D 163 10.63 -17.27 27.01
C GLY D 163 10.24 -15.86 26.68
N VAL D 164 9.82 -15.59 25.44
CA VAL D 164 9.38 -14.26 25.04
C VAL D 164 7.89 -14.14 25.30
N HIS D 165 7.47 -12.99 25.85
CA HIS D 165 6.07 -12.70 26.13
C HIS D 165 5.72 -11.36 25.48
N THR D 166 5.06 -11.41 24.33
CA THR D 166 4.55 -10.22 23.67
C THR D 166 3.18 -9.91 24.27
N PHE D 167 3.09 -8.81 25.01
CA PHE D 167 1.88 -8.46 25.72
C PHE D 167 0.86 -7.85 24.77
N PRO D 168 -0.42 -7.90 25.13
CA PRO D 168 -1.45 -7.23 24.33
C PRO D 168 -1.23 -5.72 24.28
N ALA D 169 -1.79 -5.11 23.23
CA ALA D 169 -1.73 -3.67 23.08
C ALA D 169 -2.79 -3.01 23.96
N VAL D 170 -2.41 -1.90 24.59
CA VAL D 170 -3.32 -1.10 25.41
C VAL D 170 -3.61 0.19 24.67
N LEU D 171 -4.86 0.63 24.72
CA LEU D 171 -5.31 1.86 24.08
C LEU D 171 -5.07 3.02 25.04
N GLN D 172 -4.10 3.87 24.72
CA GLN D 172 -3.80 5.01 25.56
C GLN D 172 -4.91 6.05 25.48
N SER D 173 -4.90 7.00 26.42
CA SER D 173 -5.84 8.09 26.39
C SER D 173 -5.63 9.00 25.19
N SER D 174 -4.51 8.87 24.48
CA SER D 174 -4.25 9.62 23.27
C SER D 174 -4.88 8.99 22.04
N GLY D 175 -5.59 7.88 22.20
CA GLY D 175 -6.14 7.16 21.07
C GLY D 175 -5.15 6.27 20.35
N LEU D 176 -3.87 6.37 20.68
CA LEU D 176 -2.84 5.52 20.07
C LEU D 176 -2.58 4.30 20.95
N TYR D 177 -2.16 3.22 20.32
CA TYR D 177 -1.87 1.98 21.02
C TYR D 177 -0.41 1.94 21.49
N SER D 178 -0.16 1.07 22.46
CA SER D 178 1.19 0.83 22.95
C SER D 178 1.24 -0.58 23.52
N LEU D 179 2.42 -1.21 23.40
CA LEU D 179 2.64 -2.51 24.00
C LEU D 179 4.13 -2.72 24.18
N SER D 180 4.48 -3.71 24.99
CA SER D 180 5.86 -4.10 25.21
C SER D 180 6.05 -5.56 24.82
N SER D 181 7.30 -5.98 24.76
CA SER D 181 7.63 -7.36 24.40
C SER D 181 8.93 -7.71 25.10
N VAL D 182 8.85 -8.55 26.12
CA VAL D 182 10.00 -8.92 26.92
C VAL D 182 10.45 -10.32 26.54
N VAL D 183 11.60 -10.73 27.07
CA VAL D 183 12.14 -12.06 26.83
C VAL D 183 13.10 -12.42 27.97
N THR D 184 12.98 -13.63 28.50
CA THR D 184 13.85 -14.10 29.56
C THR D 184 15.13 -14.70 28.96
N VAL D 185 16.27 -14.19 29.40
CA VAL D 185 17.56 -14.57 28.84
C VAL D 185 18.51 -14.91 29.99
N PRO D 186 19.38 -15.91 29.84
CA PRO D 186 20.39 -16.15 30.87
C PRO D 186 21.33 -14.97 30.99
N SER D 187 21.54 -14.52 32.23
CA SER D 187 22.37 -13.34 32.48
C SER D 187 23.79 -13.51 31.97
N SER D 188 24.26 -14.74 31.84
CA SER D 188 25.61 -15.04 31.33
C SER D 188 25.75 -14.74 29.83
N SER D 189 24.79 -14.08 29.20
CA SER D 189 24.82 -13.84 27.76
C SER D 189 24.61 -12.38 27.39
N LEU D 190 24.51 -11.49 28.37
CA LEU D 190 24.29 -10.08 28.08
C LEU D 190 25.49 -9.43 27.42
N GLY D 191 26.70 -9.97 27.63
CA GLY D 191 27.89 -9.50 26.96
C GLY D 191 28.33 -10.33 25.79
N THR D 192 27.60 -11.39 25.45
CA THR D 192 27.95 -12.27 24.34
C THR D 192 27.00 -12.06 23.17
N GLN D 193 25.76 -12.54 23.27
CA GLN D 193 24.80 -12.43 22.18
C GLN D 193 24.14 -11.06 22.17
N THR D 194 24.00 -10.49 20.97
CA THR D 194 23.29 -9.24 20.79
C THR D 194 21.84 -9.53 20.46
N TYR D 195 20.92 -8.88 21.18
CA TYR D 195 19.49 -9.14 21.07
C TYR D 195 18.81 -8.01 20.33
N ILE D 196 18.08 -8.35 19.29
CA ILE D 196 17.39 -7.39 18.42
C ILE D 196 15.95 -7.81 18.28
N CYS D 197 15.03 -6.90 18.56
CA CYS D 197 13.60 -7.15 18.37
C CYS D 197 13.19 -6.59 17.01
N ASN D 198 12.41 -7.37 16.27
CA ASN D 198 11.99 -7.01 14.93
C ASN D 198 10.52 -6.59 14.99
N VAL D 199 10.29 -5.28 14.97
CA VAL D 199 8.94 -4.72 15.08
C VAL D 199 8.44 -4.40 13.69
N ASN D 200 7.28 -4.94 13.34
CA ASN D 200 6.63 -4.69 12.06
C ASN D 200 5.31 -3.94 12.29
N HIS D 201 4.95 -3.13 11.30
CA HIS D 201 3.65 -2.46 11.30
C HIS D 201 3.24 -2.29 9.84
N LYS D 202 2.41 -3.21 9.36
CA LYS D 202 2.04 -3.25 7.94
C LYS D 202 1.23 -2.03 7.48
N PRO D 203 0.23 -1.55 8.23
CA PRO D 203 -0.54 -0.39 7.73
C PRO D 203 0.28 0.89 7.62
N SER D 204 1.44 0.99 8.27
CA SER D 204 2.33 2.13 8.08
C SER D 204 3.60 1.77 7.32
N ASN D 205 3.75 0.51 6.90
CA ASN D 205 4.91 0.04 6.16
C ASN D 205 6.20 0.35 6.92
N THR D 206 6.20 -0.01 8.20
CA THR D 206 7.31 0.29 9.10
C THR D 206 7.89 -1.02 9.62
N LYS D 207 9.18 -1.22 9.37
CA LYS D 207 9.95 -2.32 9.95
C LYS D 207 11.14 -1.73 10.68
N VAL D 208 11.22 -1.98 11.99
CA VAL D 208 12.26 -1.42 12.83
C VAL D 208 13.02 -2.57 13.49
N ASP D 209 14.34 -2.59 13.32
CA ASP D 209 15.23 -3.52 14.00
C ASP D 209 16.00 -2.72 15.04
N LYS D 210 15.61 -2.87 16.31
CA LYS D 210 16.23 -2.16 17.41
C LYS D 210 17.08 -3.12 18.23
N ARG D 211 18.29 -2.69 18.58
CA ARG D 211 19.21 -3.48 19.38
C ARG D 211 19.01 -3.15 20.86
N VAL D 212 18.79 -4.18 21.66
CA VAL D 212 18.63 -4.03 23.10
C VAL D 212 19.90 -4.57 23.74
N GLU D 213 20.77 -3.66 24.16
CA GLU D 213 22.01 -4.00 24.82
C GLU D 213 21.96 -3.58 26.28
N PRO D 214 22.62 -4.32 27.18
CA PRO D 214 22.71 -3.86 28.57
C PRO D 214 23.47 -2.55 28.65
N LYS D 215 22.83 -1.46 28.21
CA LYS D 215 23.48 -0.17 28.03
C LYS D 215 24.21 0.28 29.29
N SER D 216 25.46 -0.15 29.45
CA SER D 216 26.29 0.26 30.56
C SER D 216 26.41 1.78 30.59
N CYS D 217 25.98 2.38 31.69
CA CYS D 217 25.98 3.84 31.83
C CYS D 217 25.15 4.49 30.72
N ASP E 1 -32.85 -18.67 11.29
CA ASP E 1 -31.76 -19.62 11.07
C ASP E 1 -31.55 -20.46 12.32
N ILE E 2 -30.43 -21.17 12.37
CA ILE E 2 -30.10 -22.04 13.50
C ILE E 2 -29.04 -21.36 14.35
N GLN E 3 -29.34 -21.16 15.63
CA GLN E 3 -28.41 -20.55 16.57
C GLN E 3 -27.87 -21.62 17.51
N MET E 4 -26.56 -21.61 17.73
CA MET E 4 -25.90 -22.60 18.57
C MET E 4 -25.64 -22.01 19.94
N ASN E 5 -26.30 -22.57 20.95
CA ASN E 5 -26.10 -22.14 22.34
C ASN E 5 -25.02 -23.01 22.95
N GLN E 6 -23.78 -22.53 22.93
CA GLN E 6 -22.64 -23.26 23.46
C GLN E 6 -22.47 -22.93 24.94
N SER E 7 -22.27 -23.97 25.75
CA SER E 7 -22.12 -23.80 27.19
C SER E 7 -21.06 -24.77 27.71
N PRO E 8 -20.28 -24.37 28.72
CA PRO E 8 -20.32 -23.03 29.31
C PRO E 8 -19.50 -22.02 28.50
N SER E 9 -19.71 -20.73 28.76
CA SER E 9 -18.93 -19.71 28.05
C SER E 9 -17.50 -19.65 28.56
N SER E 10 -17.27 -20.06 29.80
CA SER E 10 -15.95 -20.09 30.40
C SER E 10 -15.77 -21.41 31.13
N LEU E 11 -14.58 -22.00 31.01
CA LEU E 11 -14.32 -23.30 31.63
C LEU E 11 -12.93 -23.30 32.25
N SER E 12 -12.83 -23.88 33.44
CA SER E 12 -11.57 -23.94 34.17
C SER E 12 -11.47 -25.29 34.87
N ALA E 13 -10.44 -26.07 34.52
CA ALA E 13 -10.27 -27.40 35.10
C ALA E 13 -8.78 -27.70 35.23
N SER E 14 -8.47 -28.70 36.04
CA SER E 14 -7.10 -29.06 36.35
C SER E 14 -6.55 -30.05 35.33
N LEU E 15 -5.23 -30.23 35.35
CA LEU E 15 -4.57 -31.16 34.44
C LEU E 15 -5.06 -32.58 34.69
N GLY E 16 -5.10 -33.38 33.62
CA GLY E 16 -5.54 -34.75 33.68
C GLY E 16 -7.04 -34.94 33.76
N ASP E 17 -7.79 -33.89 34.08
CA ASP E 17 -9.24 -34.00 34.15
C ASP E 17 -9.83 -34.19 32.76
N THR E 18 -11.14 -34.45 32.73
CA THR E 18 -11.89 -34.60 31.49
C THR E 18 -13.03 -33.58 31.48
N ILE E 19 -13.03 -32.71 30.48
CA ILE E 19 -13.98 -31.61 30.41
C ILE E 19 -14.98 -31.88 29.29
N THR E 20 -16.15 -31.26 29.41
CA THR E 20 -17.23 -31.42 28.44
C THR E 20 -17.70 -30.04 28.01
N ILE E 21 -17.64 -29.76 26.71
CA ILE E 21 -18.14 -28.52 26.14
C ILE E 21 -19.43 -28.85 25.40
N SER E 22 -20.56 -28.43 25.96
CA SER E 22 -21.84 -28.67 25.31
C SER E 22 -22.11 -27.61 24.25
N CYS E 23 -22.94 -27.98 23.27
CA CYS E 23 -23.32 -27.05 22.21
C CYS E 23 -24.63 -27.55 21.60
N HIS E 24 -25.74 -26.94 22.01
CA HIS E 24 -27.05 -27.34 21.55
C HIS E 24 -27.49 -26.51 20.34
N ALA E 25 -28.29 -27.13 19.49
CA ALA E 25 -28.81 -26.47 18.29
C ALA E 25 -30.27 -26.08 18.50
N SER E 26 -30.69 -25.01 17.83
CA SER E 26 -32.08 -24.59 17.90
C SER E 26 -32.97 -25.55 17.12
N GLN E 27 -32.57 -25.90 15.91
CA GLN E 27 -33.30 -26.83 15.05
C GLN E 27 -32.54 -28.15 14.98
N ASN E 28 -33.16 -29.12 14.30
CA ASN E 28 -32.52 -30.41 14.07
C ASN E 28 -31.38 -30.24 13.07
N ILE E 29 -30.17 -30.62 13.48
CA ILE E 29 -29.00 -30.53 12.61
C ILE E 29 -28.35 -31.89 12.40
N ASN E 30 -28.99 -32.96 12.85
CA ASN E 30 -28.48 -34.33 12.68
C ASN E 30 -27.10 -34.49 13.31
N VAL E 31 -26.07 -34.61 12.47
CA VAL E 31 -24.71 -34.83 12.95
C VAL E 31 -23.75 -33.89 12.23
N TRP E 32 -24.30 -32.89 11.55
CA TRP E 32 -23.48 -31.96 10.77
C TRP E 32 -23.01 -30.78 11.63
N LEU E 33 -22.20 -31.12 12.62
CA LEU E 33 -21.65 -30.16 13.57
C LEU E 33 -20.15 -30.36 13.67
N SER E 34 -19.42 -29.27 13.71
CA SER E 34 -17.96 -29.31 13.76
C SER E 34 -17.45 -28.62 15.03
N TRP E 35 -16.18 -28.87 15.34
CA TRP E 35 -15.49 -28.24 16.45
C TRP E 35 -14.20 -27.63 15.95
N TYR E 36 -13.86 -26.46 16.49
CA TYR E 36 -12.66 -25.73 16.11
C TYR E 36 -11.91 -25.29 17.35
N GLN E 37 -10.57 -25.30 17.26
CA GLN E 37 -9.71 -24.86 18.35
C GLN E 37 -8.95 -23.60 17.92
N GLN E 38 -9.07 -22.55 18.72
CA GLN E 38 -8.38 -21.29 18.47
C GLN E 38 -7.49 -20.98 19.65
N LYS E 39 -6.21 -21.34 19.53
CA LYS E 39 -5.25 -21.01 20.57
C LYS E 39 -4.87 -19.54 20.48
N PRO E 40 -4.69 -18.87 21.62
CA PRO E 40 -4.36 -17.43 21.59
C PRO E 40 -2.89 -17.22 21.29
N GLY E 41 -2.59 -16.36 20.31
CA GLY E 41 -3.61 -15.78 19.45
C GLY E 41 -3.34 -16.24 18.03
N ASN E 42 -3.83 -17.43 17.69
CA ASN E 42 -3.52 -18.09 16.44
C ASN E 42 -4.80 -18.30 15.64
N ILE E 43 -4.62 -18.77 14.41
CA ILE E 43 -5.74 -19.01 13.49
C ILE E 43 -6.56 -20.19 14.00
N PRO E 44 -7.89 -20.15 13.86
CA PRO E 44 -8.71 -21.30 14.29
C PRO E 44 -8.36 -22.56 13.51
N LYS E 45 -8.21 -23.66 14.23
CA LYS E 45 -7.85 -24.95 13.66
C LYS E 45 -9.01 -25.92 13.78
N LEU E 46 -9.10 -26.84 12.81
CA LEU E 46 -10.18 -27.81 12.79
C LEU E 46 -9.85 -28.99 13.70
N LEU E 47 -10.77 -29.32 14.61
CA LEU E 47 -10.62 -30.45 15.52
C LEU E 47 -11.49 -31.62 15.09
N ILE E 48 -12.81 -31.47 15.17
CA ILE E 48 -13.75 -32.55 14.92
C ILE E 48 -14.81 -32.04 13.96
N TYR E 49 -15.19 -32.90 13.01
CA TYR E 49 -16.36 -32.70 12.18
C TYR E 49 -17.24 -33.95 12.28
N GLU E 50 -18.44 -33.86 11.73
CA GLU E 50 -19.42 -34.95 11.79
C GLU E 50 -19.69 -35.36 13.24
N ALA E 51 -19.78 -34.37 14.13
CA ALA E 51 -20.09 -34.56 15.54
C ALA E 51 -19.02 -35.35 16.29
N SER E 52 -18.51 -36.42 15.69
CA SER E 52 -17.56 -37.30 16.37
C SER E 52 -16.36 -37.73 15.54
N THR E 53 -16.34 -37.46 14.24
CA THR E 53 -15.22 -37.88 13.40
C THR E 53 -13.98 -37.04 13.69
N LEU E 54 -12.86 -37.70 13.95
CA LEU E 54 -11.62 -37.00 14.25
C LEU E 54 -10.90 -36.59 12.96
N TYR E 55 -10.02 -35.61 13.09
CA TYR E 55 -9.26 -35.06 11.98
C TYR E 55 -7.81 -35.51 12.06
N THR E 56 -7.17 -35.60 10.89
CA THR E 56 -5.80 -36.09 10.81
C THR E 56 -4.85 -35.14 11.52
N GLY E 57 -4.01 -35.69 12.40
CA GLY E 57 -3.07 -34.92 13.17
C GLY E 57 -3.54 -34.57 14.57
N VAL E 58 -4.84 -34.54 14.79
CA VAL E 58 -5.39 -34.21 16.12
C VAL E 58 -5.14 -35.39 17.06
N PRO E 59 -4.72 -35.15 18.30
CA PRO E 59 -4.54 -36.27 19.24
C PRO E 59 -5.87 -36.95 19.55
N SER E 60 -5.78 -38.24 19.88
CA SER E 60 -6.96 -39.07 20.09
C SER E 60 -7.73 -38.71 21.36
N ARG E 61 -7.16 -37.90 22.24
CA ARG E 61 -7.87 -37.53 23.46
C ARG E 61 -8.99 -36.53 23.21
N PHE E 62 -9.18 -36.09 21.98
CA PHE E 62 -10.31 -35.23 21.61
C PHE E 62 -11.45 -36.11 21.11
N SER E 63 -12.58 -36.08 21.81
CA SER E 63 -13.75 -36.87 21.46
C SER E 63 -14.94 -35.96 21.22
N GLY E 64 -15.81 -36.40 20.30
CA GLY E 64 -17.08 -35.74 20.07
C GLY E 64 -18.21 -36.75 20.15
N SER E 65 -19.40 -36.23 20.39
CA SER E 65 -20.58 -37.08 20.50
C SER E 65 -21.84 -36.23 20.31
N GLY E 66 -22.97 -36.92 20.24
CA GLY E 66 -24.26 -36.27 20.17
C GLY E 66 -24.93 -36.48 18.81
N SER E 67 -26.24 -36.22 18.79
CA SER E 67 -27.04 -36.29 17.58
C SER E 67 -28.32 -35.48 17.80
N GLY E 68 -28.79 -34.86 16.73
CA GLY E 68 -30.00 -34.06 16.79
C GLY E 68 -29.80 -32.64 17.25
N THR E 69 -30.02 -32.39 18.55
CA THR E 69 -29.93 -31.06 19.11
C THR E 69 -28.97 -30.95 20.29
N GLY E 70 -28.31 -32.04 20.67
CA GLY E 70 -27.39 -32.00 21.80
C GLY E 70 -26.06 -32.64 21.49
N PHE E 71 -24.98 -31.85 21.56
CA PHE E 71 -23.66 -32.31 21.18
C PHE E 71 -22.69 -32.09 22.33
N THR E 72 -21.50 -32.66 22.20
CA THR E 72 -20.51 -32.66 23.27
C THR E 72 -19.11 -32.67 22.69
N LEU E 73 -18.25 -31.81 23.23
CA LEU E 73 -16.82 -31.81 22.94
C LEU E 73 -16.11 -32.29 24.21
N THR E 74 -15.49 -33.45 24.13
CA THR E 74 -14.82 -34.06 25.27
C THR E 74 -13.31 -34.02 25.08
N ILE E 75 -12.61 -33.69 26.17
CA ILE E 75 -11.15 -33.63 26.18
C ILE E 75 -10.66 -34.48 27.34
N SER E 76 -10.11 -35.64 27.04
CA SER E 76 -9.58 -36.54 28.06
C SER E 76 -8.11 -36.23 28.33
N SER E 77 -7.70 -36.42 29.59
CA SER E 77 -6.35 -36.12 30.02
C SER E 77 -5.97 -34.70 29.66
N LEU E 78 -6.46 -33.73 30.42
CA LEU E 78 -6.30 -32.31 30.11
C LEU E 78 -4.83 -31.90 30.16
N GLN E 79 -4.27 -31.54 29.00
CA GLN E 79 -2.89 -31.12 28.82
C GLN E 79 -2.81 -29.59 28.77
N PRO E 80 -1.65 -29.01 29.09
CA PRO E 80 -1.55 -27.55 29.10
C PRO E 80 -1.63 -26.91 27.71
N GLU E 81 -1.32 -27.65 26.65
CA GLU E 81 -1.35 -27.09 25.30
C GLU E 81 -2.76 -26.81 24.80
N ASP E 82 -3.79 -27.21 25.55
CA ASP E 82 -5.16 -27.10 25.10
C ASP E 82 -5.84 -25.82 25.55
N ILE E 83 -5.10 -24.90 26.16
CA ILE E 83 -5.63 -23.59 26.53
C ILE E 83 -6.01 -22.84 25.27
N ALA E 84 -7.30 -22.71 25.01
CA ALA E 84 -7.79 -22.10 23.78
C ALA E 84 -9.28 -21.83 23.94
N THR E 85 -9.84 -21.14 22.96
CA THR E 85 -11.28 -20.94 22.86
C THR E 85 -11.82 -21.85 21.76
N TYR E 86 -12.86 -22.61 22.08
CA TYR E 86 -13.42 -23.61 21.19
C TYR E 86 -14.79 -23.16 20.68
N TYR E 87 -15.02 -23.33 19.38
CA TYR E 87 -16.26 -22.96 18.73
C TYR E 87 -16.88 -24.17 18.05
N CYS E 88 -18.20 -24.29 18.15
CA CYS E 88 -18.95 -25.31 17.43
C CYS E 88 -19.69 -24.66 16.25
N GLN E 89 -19.65 -25.34 15.10
CA GLN E 89 -20.25 -24.82 13.88
C GLN E 89 -21.12 -25.90 13.25
N GLN E 90 -22.37 -25.56 12.97
CA GLN E 90 -23.31 -26.48 12.33
C GLN E 90 -23.27 -26.27 10.82
N GLY E 91 -23.60 -27.33 10.09
CA GLY E 91 -23.60 -27.28 8.65
C GLY E 91 -24.79 -27.96 8.00
N GLN E 92 -25.85 -28.21 8.78
CA GLN E 92 -27.00 -28.92 8.25
C GLN E 92 -27.81 -28.08 7.27
N SER E 93 -27.70 -26.75 7.36
CA SER E 93 -28.35 -25.86 6.41
C SER E 93 -27.69 -24.50 6.50
N TYR E 94 -28.00 -23.63 5.54
CA TYR E 94 -27.44 -22.30 5.52
C TYR E 94 -28.42 -21.29 6.10
N PRO E 95 -27.94 -20.18 6.70
CA PRO E 95 -26.53 -19.82 6.87
C PRO E 95 -25.86 -20.56 8.01
N TRP E 96 -24.57 -20.86 7.87
CA TRP E 96 -23.83 -21.51 8.93
C TRP E 96 -23.64 -20.55 10.11
N THR E 97 -23.68 -21.09 11.32
CA THR E 97 -23.63 -20.30 12.53
C THR E 97 -22.64 -20.92 13.51
N PHE E 98 -21.76 -20.10 14.07
CA PHE E 98 -20.83 -20.54 15.08
C PHE E 98 -21.41 -20.34 16.47
N GLY E 99 -20.94 -21.16 17.41
CA GLY E 99 -21.36 -21.04 18.78
C GLY E 99 -20.71 -19.87 19.48
N GLY E 100 -21.19 -19.58 20.69
CA GLY E 100 -20.67 -18.45 21.43
C GLY E 100 -19.20 -18.57 21.78
N GLY E 101 -18.70 -19.79 21.87
CA GLY E 101 -17.31 -20.02 22.23
C GLY E 101 -17.14 -20.35 23.70
N THR E 102 -16.13 -21.16 23.99
CA THR E 102 -15.81 -21.58 25.36
C THR E 102 -14.36 -21.26 25.63
N LYS E 103 -14.12 -20.31 26.53
CA LYS E 103 -12.76 -19.96 26.95
C LYS E 103 -12.30 -20.95 28.01
N LEU E 104 -11.37 -21.82 27.65
CA LEU E 104 -10.86 -22.84 28.55
C LEU E 104 -9.49 -22.44 29.07
N GLU E 105 -9.33 -22.42 30.39
CA GLU E 105 -8.06 -22.09 31.03
C GLU E 105 -7.70 -23.16 32.04
N ILE E 106 -6.43 -23.58 32.04
CA ILE E 106 -5.98 -24.64 32.92
C ILE E 106 -6.01 -24.16 34.37
N LYS E 107 -6.45 -25.04 35.27
CA LYS E 107 -6.41 -24.78 36.71
C LYS E 107 -5.17 -25.46 37.27
N ARG E 108 -4.07 -24.71 37.31
CA ARG E 108 -2.81 -25.24 37.80
C ARG E 108 -2.88 -25.48 39.30
N THR E 109 -2.26 -26.58 39.75
CA THR E 109 -2.41 -27.03 41.12
C THR E 109 -1.59 -26.24 42.13
N THR E 110 -0.60 -25.47 41.68
CA THR E 110 0.30 -24.77 42.58
C THR E 110 0.39 -23.30 42.22
N VAL E 111 0.78 -22.50 43.20
CA VAL E 111 0.95 -21.06 43.04
C VAL E 111 2.39 -20.77 42.62
N ALA E 112 2.55 -19.84 41.69
CA ALA E 112 3.86 -19.44 41.19
C ALA E 112 4.10 -17.97 41.52
N ALA E 113 5.26 -17.68 42.09
CA ALA E 113 5.57 -16.29 42.41
C ALA E 113 6.11 -15.58 41.17
N PRO E 114 5.79 -14.30 40.98
CA PRO E 114 6.23 -13.59 39.79
C PRO E 114 7.66 -13.07 39.93
N SER E 115 8.39 -13.12 38.84
CA SER E 115 9.72 -12.51 38.75
C SER E 115 9.55 -11.06 38.35
N VAL E 116 9.79 -10.15 39.30
CA VAL E 116 9.55 -8.73 39.09
C VAL E 116 10.79 -8.08 38.50
N PHE E 117 10.60 -7.26 37.47
CA PHE E 117 11.65 -6.46 36.88
C PHE E 117 11.17 -5.03 36.72
N ILE E 118 12.11 -4.11 36.54
CA ILE E 118 11.79 -2.70 36.37
C ILE E 118 12.78 -2.10 35.38
N PHE E 119 12.28 -1.25 34.48
CA PHE E 119 13.07 -0.69 33.39
C PHE E 119 12.92 0.82 33.37
N PRO E 120 13.99 1.59 33.45
CA PRO E 120 13.91 3.03 33.27
C PRO E 120 13.62 3.38 31.83
N PRO E 121 13.20 4.61 31.55
CA PRO E 121 13.04 5.02 30.15
C PRO E 121 14.38 5.19 29.47
N SER E 122 14.41 4.89 28.17
CA SER E 122 15.63 5.01 27.41
C SER E 122 15.96 6.47 27.14
N ASP E 123 17.26 6.76 27.04
CA ASP E 123 17.68 8.12 26.73
C ASP E 123 17.13 8.58 25.37
N GLU E 124 16.85 7.63 24.48
CA GLU E 124 16.26 7.97 23.19
C GLU E 124 14.83 8.47 23.34
N GLN E 125 14.13 8.04 24.40
CA GLN E 125 12.74 8.45 24.57
C GLN E 125 12.60 9.80 25.25
N LEU E 126 13.54 10.15 26.13
CA LEU E 126 13.47 11.45 26.80
C LEU E 126 13.66 12.61 25.83
N LYS E 127 14.16 12.35 24.62
CA LYS E 127 14.23 13.37 23.59
C LYS E 127 12.87 13.72 23.00
N SER E 128 11.81 12.99 23.38
CA SER E 128 10.49 13.14 22.77
C SER E 128 9.50 13.89 23.64
N GLY E 129 9.68 13.93 24.95
CA GLY E 129 8.82 14.67 25.86
C GLY E 129 8.21 13.83 26.97
N THR E 130 7.94 12.56 26.69
CA THR E 130 7.37 11.64 27.67
C THR E 130 8.41 10.63 28.12
N ALA E 131 8.16 10.04 29.28
CA ALA E 131 9.02 9.01 29.86
C ALA E 131 8.14 7.85 30.31
N SER E 132 8.42 6.67 29.78
CA SER E 132 7.67 5.46 30.11
C SER E 132 8.56 4.54 30.93
N VAL E 133 8.10 4.17 32.13
CA VAL E 133 8.80 3.24 33.00
C VAL E 133 7.98 1.95 33.05
N VAL E 134 8.62 0.83 32.70
CA VAL E 134 7.95 -0.46 32.57
C VAL E 134 8.34 -1.34 33.75
N CYS E 135 7.35 -2.03 34.31
CA CYS E 135 7.56 -3.02 35.36
C CYS E 135 7.01 -4.35 34.89
N LEU E 136 7.82 -5.40 34.97
CA LEU E 136 7.49 -6.71 34.42
C LEU E 136 7.16 -7.70 35.53
N LEU E 137 6.13 -8.51 35.28
CA LEU E 137 5.74 -9.61 36.16
C LEU E 137 5.71 -10.88 35.33
N ASN E 138 6.60 -11.82 35.61
CA ASN E 138 6.87 -12.95 34.73
C ASN E 138 6.47 -14.26 35.40
N ASN E 139 5.51 -14.96 34.79
CA ASN E 139 5.12 -16.32 35.16
C ASN E 139 4.53 -16.42 36.57
N PHE E 140 3.21 -16.54 36.67
CA PHE E 140 2.52 -16.70 37.95
C PHE E 140 1.11 -17.20 37.69
N TYR E 141 0.60 -18.07 38.58
CA TYR E 141 -0.78 -18.54 38.39
C TYR E 141 -1.68 -18.25 39.60
N PRO E 142 -1.66 -17.07 40.12
CA PRO E 142 -2.93 -16.43 40.46
C PRO E 142 -3.09 -15.20 39.57
N ARG E 143 -4.12 -15.20 38.71
CA ARG E 143 -4.29 -14.08 37.79
C ARG E 143 -4.40 -12.76 38.52
N GLU E 144 -4.98 -12.76 39.72
CA GLU E 144 -5.11 -11.54 40.51
C GLU E 144 -3.75 -11.16 41.10
N ALA E 145 -3.18 -10.07 40.61
CA ALA E 145 -2.00 -9.46 41.19
C ALA E 145 -2.29 -7.99 41.42
N LYS E 146 -1.36 -7.30 42.08
CA LYS E 146 -1.51 -5.88 42.35
C LYS E 146 -0.16 -5.20 42.23
N VAL E 147 -0.08 -4.17 41.39
CA VAL E 147 1.14 -3.42 41.16
C VAL E 147 0.90 -1.97 41.56
N GLN E 148 1.79 -1.44 42.39
CA GLN E 148 1.70 -0.06 42.86
C GLN E 148 3.03 0.65 42.59
N TRP E 149 2.94 1.87 42.07
CA TRP E 149 4.11 2.68 41.75
C TRP E 149 4.41 3.68 42.85
N LYS E 150 5.70 3.92 43.06
CA LYS E 150 6.15 4.89 44.06
C LYS E 150 7.22 5.77 43.42
N VAL E 151 6.97 7.08 43.38
CA VAL E 151 7.91 8.06 42.87
C VAL E 151 8.38 8.91 44.04
N ASP E 152 9.63 8.72 44.45
CA ASP E 152 10.17 9.32 45.67
C ASP E 152 9.28 8.99 46.86
N ASN E 153 8.91 7.72 46.96
CA ASN E 153 8.02 7.21 48.00
C ASN E 153 6.71 8.01 48.05
N ALA E 154 6.00 7.96 46.92
CA ALA E 154 4.69 8.58 46.81
C ALA E 154 3.84 7.72 45.88
N LEU E 155 2.78 7.14 46.41
CA LEU E 155 1.95 6.22 45.65
C LEU E 155 1.24 6.95 44.51
N GLN E 156 1.43 6.47 43.28
CA GLN E 156 0.80 7.08 42.13
C GLN E 156 -0.62 6.54 41.94
N SER E 157 -1.46 7.34 41.28
CA SER E 157 -2.88 7.00 41.16
C SER E 157 -3.18 6.63 39.73
N GLY E 158 -3.51 7.58 38.86
CA GLY E 158 -4.01 7.24 37.54
C GLY E 158 -3.13 7.64 36.38
N ASN E 159 -1.86 7.25 36.42
CA ASN E 159 -0.92 7.50 35.33
C ASN E 159 -0.21 6.23 34.90
N SER E 160 -0.82 5.07 35.14
CA SER E 160 -0.23 3.78 34.80
C SER E 160 -1.26 2.89 34.14
N GLN E 161 -0.80 2.06 33.21
CA GLN E 161 -1.63 1.08 32.53
C GLN E 161 -0.94 -0.27 32.56
N GLU E 162 -1.73 -1.33 32.64
CA GLU E 162 -1.21 -2.69 32.71
C GLU E 162 -1.89 -3.56 31.68
N SER E 163 -1.19 -4.61 31.27
CA SER E 163 -1.69 -5.58 30.30
C SER E 163 -1.32 -6.97 30.79
N VAL E 164 -2.23 -7.92 30.57
CA VAL E 164 -2.06 -9.30 31.02
C VAL E 164 -2.13 -10.22 29.81
N THR E 165 -1.14 -11.11 29.69
CA THR E 165 -1.14 -12.08 28.61
C THR E 165 -2.18 -13.17 28.85
N GLU E 166 -2.42 -13.97 27.82
CA GLU E 166 -3.19 -15.19 28.00
C GLU E 166 -2.36 -16.23 28.74
N GLN E 167 -3.03 -17.27 29.22
CA GLN E 167 -2.34 -18.28 30.00
C GLN E 167 -1.36 -19.06 29.12
N ASP E 168 -0.18 -19.31 29.68
CA ASP E 168 0.89 -19.94 28.90
C ASP E 168 0.56 -21.39 28.61
N SER E 169 0.85 -21.82 27.38
CA SER E 169 0.66 -23.21 26.97
C SER E 169 1.76 -24.12 27.48
N LYS E 170 2.60 -23.66 28.40
CA LYS E 170 3.68 -24.47 28.95
C LYS E 170 3.40 -24.78 30.42
N ASP E 171 3.72 -23.84 31.31
CA ASP E 171 3.54 -24.02 32.74
C ASP E 171 2.24 -23.42 33.26
N SER E 172 1.34 -23.02 32.36
CA SER E 172 0.00 -22.54 32.73
C SER E 172 0.06 -21.31 33.64
N THR E 173 0.91 -20.35 33.28
CA THR E 173 1.09 -19.14 34.05
C THR E 173 0.68 -17.92 33.22
N TYR E 174 0.68 -16.77 33.87
CA TYR E 174 0.35 -15.50 33.24
C TYR E 174 1.55 -14.56 33.28
N SER E 175 1.36 -13.37 32.73
CA SER E 175 2.35 -12.30 32.83
C SER E 175 1.63 -10.96 32.82
N LEU E 176 2.31 -9.95 33.32
CA LEU E 176 1.70 -8.63 33.47
C LEU E 176 2.79 -7.57 33.36
N SER E 177 2.54 -6.55 32.55
CA SER E 177 3.46 -5.43 32.39
C SER E 177 2.72 -4.15 32.75
N SER E 178 3.23 -3.44 33.75
CA SER E 178 2.68 -2.14 34.15
C SER E 178 3.60 -1.05 33.62
N THR E 179 3.02 -0.12 32.87
CA THR E 179 3.77 0.99 32.29
C THR E 179 3.33 2.28 32.99
N LEU E 180 4.29 3.00 33.55
CA LEU E 180 4.06 4.27 34.23
C LEU E 180 4.55 5.39 33.32
N THR E 181 3.62 6.11 32.69
CA THR E 181 3.96 7.12 31.71
C THR E 181 3.92 8.50 32.36
N LEU E 182 5.09 9.12 32.48
CA LEU E 182 5.23 10.50 32.93
C LEU E 182 5.73 11.36 31.79
N SER E 183 5.59 12.68 31.97
CA SER E 183 6.25 13.61 31.07
C SER E 183 7.70 13.79 31.50
N LYS E 184 8.56 14.12 30.55
CA LYS E 184 9.97 14.32 30.85
C LYS E 184 10.16 15.39 31.92
N ALA E 185 9.25 16.36 32.00
CA ALA E 185 9.29 17.34 33.08
C ALA E 185 8.94 16.70 34.41
N ASP E 186 7.76 16.06 34.49
CA ASP E 186 7.34 15.42 35.74
C ASP E 186 8.28 14.30 36.17
N TYR E 187 9.06 13.76 35.23
CA TYR E 187 10.14 12.83 35.54
C TYR E 187 11.26 13.49 36.34
N GLU E 188 11.19 14.81 36.53
CA GLU E 188 12.18 15.59 37.25
C GLU E 188 11.48 16.50 38.25
N LYS E 189 12.13 16.82 39.35
CA LYS E 189 13.44 16.27 39.71
C LYS E 189 13.26 15.18 40.76
N HIS E 190 12.69 14.06 40.33
CA HIS E 190 12.45 12.93 41.21
C HIS E 190 13.53 11.88 40.99
N LYS E 191 14.03 11.32 42.10
CA LYS E 191 15.19 10.44 42.05
C LYS E 191 14.81 8.97 41.99
N VAL E 192 14.28 8.43 43.08
CA VAL E 192 14.03 6.99 43.19
C VAL E 192 12.67 6.67 42.58
N TYR E 193 12.63 5.58 41.80
CA TYR E 193 11.40 5.04 41.24
C TYR E 193 11.28 3.59 41.67
N ALA E 194 10.10 3.20 42.14
CA ALA E 194 9.91 1.88 42.73
C ALA E 194 8.65 1.22 42.20
N CYS E 195 8.72 -0.10 42.02
CA CYS E 195 7.58 -0.91 41.61
C CYS E 195 7.27 -1.90 42.72
N GLU E 196 6.08 -1.82 43.28
CA GLU E 196 5.65 -2.66 44.38
C GLU E 196 4.63 -3.68 43.89
N VAL E 197 4.87 -4.96 44.19
CA VAL E 197 4.05 -6.06 43.71
C VAL E 197 3.54 -6.84 44.90
N THR E 198 2.22 -6.87 45.08
CA THR E 198 1.56 -7.72 46.07
C THR E 198 0.95 -8.91 45.35
N HIS E 199 1.23 -10.12 45.86
CA HIS E 199 0.82 -11.31 45.14
C HIS E 199 0.69 -12.48 46.10
N GLN E 200 -0.12 -13.46 45.69
CA GLN E 200 -0.39 -14.62 46.53
C GLN E 200 0.82 -15.55 46.63
N GLY E 201 1.66 -15.59 45.59
CA GLY E 201 2.88 -16.38 45.63
C GLY E 201 3.99 -15.79 46.46
N LEU E 202 3.77 -14.63 47.05
CA LEU E 202 4.78 -13.94 47.85
C LEU E 202 4.27 -13.78 49.27
N SER E 203 5.09 -14.18 50.24
CA SER E 203 4.71 -14.04 51.64
C SER E 203 4.56 -12.57 52.03
N SER E 204 5.33 -11.69 51.41
CA SER E 204 5.24 -10.26 51.62
C SER E 204 5.43 -9.57 50.28
N PRO E 205 4.81 -8.41 50.08
CA PRO E 205 4.95 -7.70 48.80
C PRO E 205 6.40 -7.36 48.50
N VAL E 206 6.83 -7.66 47.28
CA VAL E 206 8.19 -7.39 46.83
C VAL E 206 8.23 -6.05 46.12
N THR E 207 9.33 -5.31 46.32
CA THR E 207 9.52 -4.00 45.71
C THR E 207 10.83 -4.00 44.92
N LYS E 208 10.73 -3.66 43.64
CA LYS E 208 11.89 -3.42 42.78
C LYS E 208 12.00 -1.93 42.51
N SER E 209 13.22 -1.40 42.59
CA SER E 209 13.42 0.03 42.52
C SER E 209 14.70 0.35 41.75
N PHE E 210 14.75 1.56 41.20
CA PHE E 210 15.97 2.10 40.63
C PHE E 210 15.97 3.61 40.87
N ASN E 211 17.15 4.13 41.18
CA ASN E 211 17.33 5.57 41.30
C ASN E 211 17.59 6.16 39.92
N ARG E 212 16.96 7.31 39.65
CA ARG E 212 17.25 8.00 38.40
C ARG E 212 18.73 8.34 38.34
N GLY E 213 19.36 8.02 37.22
CA GLY E 213 20.78 8.23 37.11
C GLY E 213 21.56 7.17 37.86
N GLU E 214 21.32 5.90 37.52
CA GLU E 214 22.25 4.83 37.83
C GLU E 214 23.36 4.89 36.78
N CYS E 215 23.61 6.09 36.27
CA CYS E 215 24.40 6.34 35.07
C CYS E 215 23.77 5.61 33.89
N THR F 25 -21.84 -33.20 -3.77
CA THR F 25 -22.10 -31.95 -3.05
C THR F 25 -20.89 -31.53 -2.22
N PRO F 27 -18.69 -30.26 1.11
CA PRO F 27 -18.60 -30.63 2.53
C PRO F 27 -19.25 -29.61 3.46
N ARG F 28 -19.39 -29.97 4.73
CA ARG F 28 -20.10 -29.14 5.71
C ARG F 28 -19.18 -28.65 6.82
N HIS F 29 -17.90 -28.44 6.51
CA HIS F 29 -16.97 -27.87 7.47
C HIS F 29 -15.81 -27.24 6.72
N LEU F 30 -15.09 -26.36 7.41
CA LEU F 30 -13.95 -25.67 6.82
C LEU F 30 -12.66 -26.47 7.03
#